data_5BPG
#
_entry.id   5BPG
#
_cell.length_a   77.300
_cell.length_b   44.440
_cell.length_c   114.950
_cell.angle_alpha   90.00
_cell.angle_beta   92.82
_cell.angle_gamma   90.00
#
_symmetry.space_group_name_H-M   'P 1 21 1'
#
loop_
_entity.id
_entity.type
_entity.pdbx_description
1 polymer 'Fragaceatoxin C'
2 non-polymer 'CHLORIDE ION'
3 non-polymer GLYCEROL
4 water water
#
_entity_poly.entity_id   1
_entity_poly.type   'polypeptide(L)'
_entity_poly.pdbx_seq_one_letter_code
;MSADVAGAVIDGAGLGFDVLKTVLEALGNVKRKIAVGIDNESGKTWTAMNTYFRSGTSDIVLPHKVAHGKALLYNGQKNR
GPVATGVVGVIAYSMSDGNTLAVLFSVPYDYNWYSNWWNVRVYKGQKRADQRMYEELYYHRSPFRGDNGWHSRGLGYGLK
SRGFMNSSGHAILEIHVTKA
;
_entity_poly.pdbx_strand_id   A,B,C,D
#
loop_
_chem_comp.id
_chem_comp.type
_chem_comp.name
_chem_comp.formula
CL non-polymer 'CHLORIDE ION' 'Cl -1'
GOL non-polymer GLYCEROL 'C3 H8 O3'
#
# COMPACT_ATOMS: atom_id res chain seq x y z
N ASP A 4 21.40 39.41 10.76
CA ASP A 4 21.64 37.99 10.37
C ASP A 4 21.21 37.75 8.92
N VAL A 5 21.82 38.50 8.01
CA VAL A 5 21.56 38.33 6.59
C VAL A 5 22.82 37.80 5.91
N ALA A 6 22.62 37.09 4.82
CA ALA A 6 23.70 36.76 3.93
C ALA A 6 24.52 38.01 3.61
N GLY A 7 25.84 37.94 3.84
CA GLY A 7 26.74 39.08 3.61
C GLY A 7 27.16 39.70 4.91
N ALA A 8 26.53 39.32 6.00
CA ALA A 8 26.96 39.77 7.31
C ALA A 8 27.77 38.70 7.99
N VAL A 9 28.54 39.11 8.98
CA VAL A 9 29.09 38.18 9.97
C VAL A 9 28.30 38.32 11.29
N ILE A 10 28.23 37.25 12.08
CA ILE A 10 27.53 37.23 13.37
C ILE A 10 28.44 36.68 14.42
N ASP A 11 28.16 36.97 15.68
CA ASP A 11 28.87 36.28 16.76
C ASP A 11 28.79 34.77 16.46
N GLY A 12 29.94 34.09 16.51
CA GLY A 12 30.00 32.65 16.17
C GLY A 12 28.95 31.77 16.81
N ALA A 13 28.76 31.94 18.11
CA ALA A 13 27.77 31.23 18.90
C ALA A 13 26.38 31.31 18.29
N GLY A 14 26.14 32.36 17.50
CA GLY A 14 24.84 32.63 16.94
C GLY A 14 24.47 31.78 15.74
N LEU A 15 25.47 31.18 15.08
CA LEU A 15 25.24 30.34 13.94
C LEU A 15 24.50 29.07 14.31
N GLY A 16 23.43 28.79 13.58
CA GLY A 16 22.66 27.54 13.73
C GLY A 16 21.67 27.39 12.57
N PHE A 17 20.99 26.26 12.56
CA PHE A 17 20.02 25.94 11.54
C PHE A 17 18.99 27.09 11.32
N ASP A 18 18.46 27.68 12.42
CA ASP A 18 17.42 28.72 12.27
C ASP A 18 17.91 29.93 11.46
N VAL A 19 19.11 30.40 11.76
CA VAL A 19 19.66 31.55 11.04
C VAL A 19 19.85 31.18 9.55
N LEU A 20 20.27 29.95 9.28
CA LEU A 20 20.35 29.50 7.91
C LEU A 20 18.97 29.38 7.25
N LYS A 21 17.94 29.04 8.04
CA LYS A 21 16.59 28.99 7.49
C LYS A 21 16.12 30.39 7.14
N THR A 22 16.45 31.35 8.00
CA THR A 22 16.14 32.74 7.72
C THR A 22 16.81 33.13 6.38
N VAL A 23 18.07 32.75 6.19
CA VAL A 23 18.77 33.08 4.97
C VAL A 23 18.08 32.43 3.75
N LEU A 24 17.74 31.14 3.86
CA LEU A 24 16.92 30.49 2.81
C LEU A 24 15.68 31.27 2.43
N GLU A 25 14.95 31.75 3.44
CA GLU A 25 13.61 32.25 3.23
C GLU A 25 13.70 33.59 2.53
N ALA A 26 14.75 34.36 2.83
CA ALA A 26 14.88 35.70 2.26
C ALA A 26 15.13 35.57 0.73
N LEU A 27 15.62 34.41 0.29
CA LEU A 27 15.76 34.14 -1.15
C LEU A 27 14.40 33.99 -1.91
N GLY A 28 13.35 33.56 -1.22
CA GLY A 28 12.02 33.50 -1.83
C GLY A 28 11.78 32.20 -2.59
N ASN A 29 10.87 32.28 -3.54
CA ASN A 29 10.32 31.12 -4.25
C ASN A 29 11.20 30.73 -5.44
N VAL A 30 12.30 30.08 -5.17
CA VAL A 30 13.14 29.52 -6.23
C VAL A 30 13.39 28.07 -5.89
N LYS A 31 13.64 27.29 -6.94
CA LYS A 31 13.66 25.85 -6.91
C LYS A 31 14.83 25.25 -6.20
N ARG A 32 16.02 25.77 -6.45
CA ARG A 32 17.20 25.32 -5.76
C ARG A 32 17.98 26.53 -5.20
N LYS A 33 18.48 26.36 -3.98
CA LYS A 33 19.20 27.40 -3.25
C LYS A 33 19.85 26.86 -2.00
N ILE A 34 20.79 27.65 -1.46
CA ILE A 34 21.62 27.25 -0.33
C ILE A 34 21.88 28.44 0.60
N ALA A 35 21.85 28.17 1.90
CA ALA A 35 22.31 29.12 2.89
C ALA A 35 23.55 28.51 3.53
N VAL A 36 24.66 29.25 3.49
CA VAL A 36 25.95 28.76 4.00
C VAL A 36 26.35 29.57 5.21
N GLY A 37 26.66 28.87 6.31
CA GLY A 37 27.21 29.49 7.50
C GLY A 37 28.52 28.81 7.90
N ILE A 38 29.59 29.59 8.01
CA ILE A 38 30.88 29.08 8.41
C ILE A 38 31.36 29.84 9.64
N ASP A 39 31.70 29.09 10.68
CA ASP A 39 32.02 29.65 11.97
C ASP A 39 33.53 29.58 12.14
N ASN A 40 34.13 30.74 12.37
CA ASN A 40 35.56 30.83 12.49
C ASN A 40 36.04 30.83 13.95
N GLU A 41 36.52 29.68 14.40
CA GLU A 41 37.27 29.58 15.65
C GLU A 41 38.68 29.13 15.33
N SER A 42 39.22 29.61 14.22
CA SER A 42 40.54 29.19 13.78
C SER A 42 41.62 29.81 14.64
N GLY A 43 41.31 30.96 15.22
CA GLY A 43 42.24 31.67 16.04
C GLY A 43 42.78 32.83 15.25
N LYS A 44 42.45 32.87 13.95
CA LYS A 44 42.99 33.87 13.05
C LYS A 44 41.95 34.38 12.06
N THR A 45 42.25 35.52 11.47
CA THR A 45 41.28 36.29 10.67
C THR A 45 41.22 35.74 9.26
N TRP A 46 40.01 35.62 8.72
CA TRP A 46 39.83 35.26 7.31
C TRP A 46 39.47 36.49 6.49
N THR A 47 40.03 36.59 5.30
CA THR A 47 39.69 37.66 4.35
C THR A 47 39.17 37.02 3.08
N ALA A 48 38.03 37.49 2.57
CA ALA A 48 37.45 36.91 1.34
C ALA A 48 38.41 36.98 0.14
N MET A 49 38.49 35.87 -0.59
CA MET A 49 39.11 35.85 -1.92
C MET A 49 38.04 35.87 -3.01
N ASN A 50 37.27 34.79 -3.16
CA ASN A 50 36.34 34.70 -4.26
C ASN A 50 35.47 33.47 -4.12
N THR A 51 34.36 33.48 -4.84
CA THR A 51 33.57 32.29 -5.03
C THR A 51 33.55 31.95 -6.51
N TYR A 52 33.69 30.65 -6.80
CA TYR A 52 33.61 30.11 -8.15
C TYR A 52 32.33 29.30 -8.22
N PHE A 53 31.47 29.64 -9.18
CA PHE A 53 30.26 28.87 -9.46
C PHE A 53 30.43 27.97 -10.67
N ARG A 54 30.26 26.69 -10.48
CA ARG A 54 30.09 25.76 -11.58
C ARG A 54 28.71 26.00 -12.21
N SER A 55 27.72 26.29 -11.35
CA SER A 55 26.36 26.55 -11.80
CA SER A 55 26.38 26.59 -11.81
C SER A 55 25.64 27.38 -10.72
N GLY A 56 24.82 28.35 -11.13
CA GLY A 56 24.07 29.15 -10.20
C GLY A 56 24.85 30.42 -9.94
N THR A 57 24.32 31.24 -9.05
CA THR A 57 24.92 32.53 -8.72
C THR A 57 24.59 32.89 -7.30
N SER A 58 25.21 34.00 -6.87
CA SER A 58 24.76 34.77 -5.71
C SER A 58 24.85 36.28 -5.99
N ASP A 59 23.88 37.04 -5.47
CA ASP A 59 23.93 38.51 -5.54
C ASP A 59 24.67 39.08 -4.32
N ILE A 60 25.34 38.21 -3.58
CA ILE A 60 25.88 38.53 -2.28
C ILE A 60 27.39 38.64 -2.36
N VAL A 61 27.91 39.72 -1.78
CA VAL A 61 29.32 39.87 -1.59
C VAL A 61 29.69 39.02 -0.34
N LEU A 62 30.58 38.06 -0.56
CA LEU A 62 31.22 37.31 0.52
C LEU A 62 31.70 38.24 1.62
N PRO A 63 31.34 37.98 2.89
CA PRO A 63 31.77 38.87 3.97
C PRO A 63 33.29 39.08 3.95
N HIS A 64 33.71 40.32 3.89
CA HIS A 64 35.08 40.60 3.58
C HIS A 64 36.05 40.14 4.67
N LYS A 65 35.79 40.49 5.93
CA LYS A 65 36.62 40.08 7.08
C LYS A 65 35.80 39.24 8.01
N VAL A 66 36.34 38.09 8.39
CA VAL A 66 35.72 37.23 9.40
C VAL A 66 36.79 36.97 10.45
N ALA A 67 36.71 37.74 11.54
CA ALA A 67 37.58 37.55 12.70
C ALA A 67 37.29 36.23 13.44
N HIS A 68 38.29 35.68 14.12
CA HIS A 68 38.07 34.69 15.15
C HIS A 68 36.93 35.13 16.05
N GLY A 69 35.99 34.22 16.28
CA GLY A 69 34.79 34.49 17.05
C GLY A 69 33.61 34.96 16.22
N LYS A 70 33.78 35.10 14.90
CA LYS A 70 32.68 35.45 14.01
C LYS A 70 32.29 34.27 13.09
N ALA A 71 31.03 34.29 12.64
CA ALA A 71 30.60 33.41 11.57
C ALA A 71 30.11 34.23 10.40
N LEU A 72 30.48 33.77 9.21
CA LEU A 72 29.96 34.35 7.97
C LEU A 72 28.69 33.69 7.48
N LEU A 73 27.85 34.54 6.89
CA LEU A 73 26.59 34.15 6.28
C LEU A 73 26.61 34.44 4.78
N TYR A 74 26.25 33.44 3.99
CA TYR A 74 26.36 33.54 2.53
C TYR A 74 25.21 32.79 1.95
N ASN A 75 24.94 33.04 0.67
CA ASN A 75 23.96 32.25 -0.07
C ASN A 75 24.33 32.08 -1.53
N GLY A 76 23.59 31.17 -2.17
CA GLY A 76 23.53 31.03 -3.63
C GLY A 76 22.19 30.42 -4.08
N GLN A 77 21.95 30.49 -5.38
CA GLN A 77 20.71 30.00 -5.95
C GLN A 77 20.99 29.61 -7.41
N LYS A 78 20.13 28.76 -7.95
CA LYS A 78 20.29 28.24 -9.34
C LYS A 78 20.13 29.42 -10.29
N ASN A 79 20.64 29.29 -11.53
CA ASN A 79 20.48 30.35 -12.52
C ASN A 79 18.98 30.49 -12.73
N ARG A 80 18.52 31.70 -12.92
CA ARG A 80 17.08 31.91 -12.99
C ARG A 80 16.49 31.52 -14.34
N GLY A 81 15.25 31.03 -14.30
CA GLY A 81 14.53 30.70 -15.54
C GLY A 81 14.63 29.21 -15.87
N PRO A 82 14.31 28.85 -17.13
CA PRO A 82 13.99 27.45 -17.44
C PRO A 82 15.19 26.54 -17.69
N VAL A 83 16.13 26.51 -16.75
CA VAL A 83 17.31 25.64 -16.88
C VAL A 83 17.22 24.68 -15.73
N ALA A 84 17.36 23.39 -16.02
CA ALA A 84 17.17 22.34 -15.02
C ALA A 84 18.48 22.09 -14.29
N THR A 85 18.95 23.14 -13.62
CA THR A 85 20.27 23.11 -12.99
C THR A 85 20.20 23.55 -11.55
N GLY A 86 21.24 23.24 -10.79
CA GLY A 86 21.25 23.54 -9.37
C GLY A 86 22.21 24.66 -9.04
N VAL A 87 22.93 24.52 -7.92
CA VAL A 87 23.80 25.55 -7.39
C VAL A 87 25.00 24.86 -6.77
N VAL A 88 26.15 25.09 -7.39
CA VAL A 88 27.33 24.28 -7.13
C VAL A 88 28.47 25.28 -7.20
N GLY A 89 29.30 25.30 -6.15
CA GLY A 89 30.43 26.22 -6.18
C GLY A 89 31.44 26.01 -5.11
N VAL A 90 32.46 26.85 -5.12
CA VAL A 90 33.57 26.79 -4.14
C VAL A 90 33.87 28.23 -3.66
N ILE A 91 33.86 28.40 -2.34
CA ILE A 91 34.25 29.60 -1.66
C ILE A 91 35.72 29.50 -1.22
N ALA A 92 36.44 30.61 -1.32
CA ALA A 92 37.79 30.63 -0.83
C ALA A 92 38.07 31.84 0.02
N TYR A 93 38.67 31.60 1.21
CA TYR A 93 39.13 32.65 2.10
C TYR A 93 40.60 32.51 2.37
N SER A 94 41.32 33.62 2.36
CA SER A 94 42.71 33.58 2.81
C SER A 94 42.77 33.70 4.33
N MET A 95 43.66 32.95 4.94
CA MET A 95 43.83 32.99 6.39
C MET A 95 45.11 33.76 6.74
N SER A 96 45.21 34.18 8.00
CA SER A 96 46.37 34.93 8.50
C SER A 96 47.68 34.19 8.44
N ASP A 97 47.67 32.88 8.32
CA ASP A 97 48.92 32.13 8.22
C ASP A 97 49.39 32.00 6.76
N GLY A 98 48.65 32.57 5.81
CA GLY A 98 49.06 32.58 4.41
C GLY A 98 48.50 31.42 3.62
N ASN A 99 47.52 30.72 4.17
CA ASN A 99 46.93 29.55 3.53
C ASN A 99 45.50 29.87 3.21
N THR A 100 44.83 28.97 2.50
CA THR A 100 43.48 29.22 1.97
C THR A 100 42.47 28.23 2.57
N LEU A 101 41.32 28.73 3.04
CA LEU A 101 40.26 27.84 3.45
C LEU A 101 39.23 27.78 2.31
N ALA A 102 38.95 26.56 1.84
CA ALA A 102 38.16 26.31 0.66
C ALA A 102 36.95 25.50 1.06
N VAL A 103 35.78 25.97 0.64
CA VAL A 103 34.52 25.30 0.90
C VAL A 103 33.71 24.94 -0.35
N LEU A 104 33.33 23.67 -0.49
CA LEU A 104 32.59 23.22 -1.63
C LEU A 104 31.15 23.02 -1.23
N PHE A 105 30.21 23.48 -2.06
CA PHE A 105 28.79 23.12 -1.92
C PHE A 105 28.24 22.65 -3.28
N SER A 106 27.33 21.69 -3.25
CA SER A 106 26.77 21.17 -4.45
C SER A 106 25.36 20.74 -4.19
N VAL A 107 24.44 21.48 -4.80
CA VAL A 107 23.02 21.16 -4.78
C VAL A 107 22.58 20.92 -6.19
N PRO A 108 22.12 19.70 -6.50
CA PRO A 108 21.76 19.40 -7.86
C PRO A 108 20.28 19.70 -8.19
N TYR A 109 19.93 19.57 -9.46
CA TYR A 109 18.59 19.74 -9.89
C TYR A 109 17.80 18.44 -9.71
N ASP A 110 18.35 17.33 -10.19
CA ASP A 110 17.60 16.07 -10.28
C ASP A 110 18.01 15.08 -9.16
N TYR A 111 17.18 15.00 -8.12
CA TYR A 111 17.41 14.09 -6.97
C TYR A 111 17.12 12.63 -7.26
N ASN A 112 16.49 12.32 -8.39
CA ASN A 112 16.47 10.91 -8.85
C ASN A 112 17.84 10.37 -9.20
N TRP A 113 18.79 11.25 -9.48
CA TRP A 113 20.07 10.80 -10.02
C TRP A 113 21.30 11.35 -9.27
N TYR A 114 21.13 12.44 -8.54
CA TYR A 114 22.18 13.15 -7.86
C TYR A 114 21.77 13.53 -6.41
N SER A 115 22.78 13.87 -5.61
CA SER A 115 22.63 14.24 -4.20
C SER A 115 23.40 15.49 -3.88
N ASN A 116 23.09 16.09 -2.73
CA ASN A 116 23.87 17.17 -2.18
C ASN A 116 25.24 16.72 -1.69
N TRP A 117 26.25 17.58 -1.83
CA TRP A 117 27.56 17.29 -1.34
C TRP A 117 28.16 18.56 -0.81
N TRP A 118 29.15 18.39 0.04
CA TRP A 118 29.95 19.53 0.50
C TRP A 118 31.35 19.07 0.87
N ASN A 119 32.24 20.05 1.02
CA ASN A 119 33.58 19.72 1.44
C ASN A 119 34.33 20.93 2.01
N VAL A 120 35.39 20.65 2.77
CA VAL A 120 36.24 21.69 3.37
C VAL A 120 37.67 21.20 3.37
N ARG A 121 38.57 22.11 3.04
CA ARG A 121 39.98 21.80 2.93
C ARG A 121 40.76 23.08 3.02
N VAL A 122 41.94 22.99 3.61
CA VAL A 122 42.89 24.09 3.67
C VAL A 122 43.99 23.85 2.64
N TYR A 123 44.24 24.85 1.78
CA TYR A 123 45.25 24.70 0.73
C TYR A 123 46.44 25.49 1.15
N LYS A 124 47.61 25.07 0.71
CA LYS A 124 48.83 25.76 1.01
C LYS A 124 48.89 26.97 0.08
N GLY A 125 49.31 28.11 0.64
CA GLY A 125 49.43 29.36 -0.11
C GLY A 125 48.12 30.08 -0.34
N GLN A 126 48.18 31.09 -1.20
CA GLN A 126 46.98 31.79 -1.66
C GLN A 126 46.49 31.15 -2.94
N LYS A 127 45.33 30.52 -2.88
CA LYS A 127 44.72 29.88 -4.05
C LYS A 127 43.30 30.37 -4.22
N ARG A 128 42.99 30.96 -5.36
CA ARG A 128 41.63 31.37 -5.66
C ARG A 128 40.75 30.19 -6.03
N ALA A 129 39.47 30.28 -5.70
CA ALA A 129 38.54 29.26 -6.13
C ALA A 129 38.39 29.31 -7.65
N ASP A 130 38.40 28.13 -8.27
CA ASP A 130 38.25 27.98 -9.74
C ASP A 130 37.77 26.55 -10.06
N GLN A 131 37.58 26.23 -11.34
CA GLN A 131 37.15 24.89 -11.80
C GLN A 131 38.08 23.76 -11.34
N ARG A 132 39.39 23.95 -11.46
CA ARG A 132 40.34 22.93 -10.97
C ARG A 132 40.09 22.65 -9.47
N MET A 133 40.03 23.69 -8.63
CA MET A 133 39.65 23.48 -7.22
C MET A 133 38.32 22.74 -7.05
N TYR A 134 37.30 23.10 -7.88
CA TYR A 134 36.06 22.36 -7.87
C TYR A 134 36.33 20.87 -8.04
N GLU A 135 37.01 20.50 -9.12
CA GLU A 135 37.24 19.10 -9.39
C GLU A 135 38.02 18.39 -8.28
N GLU A 136 39.01 19.06 -7.71
CA GLU A 136 39.76 18.48 -6.59
C GLU A 136 38.81 18.15 -5.42
N LEU A 137 38.08 19.16 -4.95
CA LEU A 137 37.25 19.00 -3.75
C LEU A 137 36.16 17.98 -3.98
N TYR A 138 35.68 17.86 -5.21
CA TYR A 138 34.52 17.00 -5.54
C TYR A 138 34.97 15.55 -5.84
N TYR A 139 35.80 15.40 -6.88
CA TYR A 139 36.28 14.08 -7.31
C TYR A 139 37.41 13.46 -6.49
N HIS A 140 38.19 14.27 -5.79
CA HIS A 140 39.45 13.77 -5.25
C HIS A 140 39.69 13.88 -3.75
N ARG A 141 39.00 14.77 -3.06
CA ARG A 141 39.28 15.04 -1.66
C ARG A 141 38.12 14.60 -0.76
N SER A 142 37.41 13.53 -1.17
CA SER A 142 36.47 12.83 -0.31
C SER A 142 35.40 13.74 0.29
N PRO A 143 34.54 14.32 -0.56
CA PRO A 143 33.50 15.22 -0.11
C PRO A 143 32.48 14.50 0.77
N PHE A 144 31.81 15.26 1.65
CA PHE A 144 30.79 14.70 2.54
C PHE A 144 29.41 14.83 1.88
N ARG A 145 28.62 13.76 2.01
CA ARG A 145 27.27 13.79 1.50
C ARG A 145 26.42 14.72 2.40
N GLY A 146 25.52 15.47 1.75
CA GLY A 146 24.48 16.24 2.42
C GLY A 146 23.42 15.29 2.84
N ASP A 147 23.65 14.61 3.97
CA ASP A 147 22.82 13.46 4.36
C ASP A 147 22.11 13.69 5.68
N ASN A 148 21.87 14.94 6.03
CA ASN A 148 21.29 15.29 7.33
C ASN A 148 22.10 14.73 8.50
N GLY A 149 23.41 14.63 8.36
CA GLY A 149 24.30 14.14 9.42
C GLY A 149 25.44 15.11 9.61
N TRP A 150 26.11 15.05 10.76
CA TRP A 150 27.30 15.86 11.02
C TRP A 150 28.54 15.10 10.60
N HIS A 151 29.57 15.81 10.19
CA HIS A 151 30.81 15.14 9.77
C HIS A 151 31.99 15.95 10.24
N SER A 152 33.00 15.30 10.82
CA SER A 152 34.14 16.02 11.39
C SER A 152 35.36 15.50 10.76
N ARG A 153 36.33 16.38 10.53
CA ARG A 153 37.59 15.97 9.94
C ARG A 153 38.71 16.98 10.20
N GLY A 154 39.90 16.46 10.50
CA GLY A 154 41.16 17.24 10.56
C GLY A 154 41.47 17.92 9.22
N LEU A 155 41.88 19.19 9.27
CA LEU A 155 42.20 19.97 8.09
C LEU A 155 43.70 20.03 7.88
N GLY A 156 44.46 19.43 8.80
CA GLY A 156 45.87 19.74 8.97
C GLY A 156 45.99 21.20 9.40
N TYR A 157 47.23 21.66 9.47
CA TYR A 157 47.54 23.08 9.75
C TYR A 157 46.98 23.51 11.10
N GLY A 158 46.93 22.57 12.05
CA GLY A 158 46.40 22.83 13.36
C GLY A 158 44.90 23.01 13.46
N LEU A 159 44.16 22.64 12.42
CA LEU A 159 42.72 22.91 12.36
C LEU A 159 41.89 21.67 12.04
N LYS A 160 40.60 21.72 12.39
CA LYS A 160 39.65 20.70 12.01
C LYS A 160 38.33 21.35 11.67
N SER A 161 37.51 20.59 10.94
CA SER A 161 36.18 21.01 10.49
C SER A 161 35.11 20.12 11.11
N ARG A 162 33.96 20.73 11.42
CA ARG A 162 32.72 20.02 11.79
C ARG A 162 31.63 20.69 11.02
N GLY A 163 30.82 19.94 10.30
CA GLY A 163 29.69 20.51 9.57
C GLY A 163 28.59 19.54 9.24
N PHE A 164 27.47 20.12 8.81
CA PHE A 164 26.21 19.45 8.57
C PHE A 164 25.60 20.06 7.32
N MET A 165 24.92 19.25 6.51
CA MET A 165 24.19 19.79 5.40
C MET A 165 22.99 18.90 5.21
N ASN A 166 21.82 19.46 4.94
CA ASN A 166 20.65 18.62 4.70
C ASN A 166 20.71 18.01 3.26
N SER A 167 19.62 17.35 2.86
CA SER A 167 19.61 16.54 1.66
C SER A 167 18.72 17.09 0.56
N SER A 168 18.03 18.20 0.82
CA SER A 168 17.07 18.68 -0.14
C SER A 168 17.49 19.97 -0.91
N GLY A 169 16.62 20.32 -1.87
CA GLY A 169 16.89 21.39 -2.82
C GLY A 169 16.98 22.78 -2.24
N HIS A 170 16.44 22.95 -1.03
CA HIS A 170 16.63 24.16 -0.22
C HIS A 170 17.64 23.78 0.89
N ALA A 171 18.91 24.03 0.63
CA ALA A 171 20.01 23.50 1.44
C ALA A 171 20.49 24.48 2.46
N ILE A 172 20.72 23.94 3.65
CA ILE A 172 21.51 24.56 4.67
C ILE A 172 22.81 23.81 4.80
N LEU A 173 23.86 24.57 5.09
CA LEU A 173 25.20 24.06 5.24
C LEU A 173 25.88 24.85 6.37
N GLU A 174 26.29 24.13 7.41
CA GLU A 174 26.73 24.73 8.66
C GLU A 174 28.08 24.14 8.94
N ILE A 175 29.10 24.99 8.94
CA ILE A 175 30.47 24.55 9.13
C ILE A 175 31.10 25.35 10.25
N HIS A 176 31.80 24.64 11.13
CA HIS A 176 32.60 25.18 12.22
C HIS A 176 34.05 24.80 11.98
N VAL A 177 34.93 25.79 11.96
CA VAL A 177 36.36 25.55 11.86
C VAL A 177 36.99 25.87 13.22
N THR A 178 37.64 24.88 13.81
CA THR A 178 38.21 25.03 15.15
C THR A 178 39.66 24.59 15.17
N LYS A 179 40.34 24.87 16.27
CA LYS A 179 41.70 24.37 16.49
C LYS A 179 41.66 22.87 16.79
N ALA A 180 42.51 22.12 16.12
CA ALA A 180 42.50 20.66 16.23
C ALA A 180 43.01 20.21 17.58
N ASP B 4 9.79 7.54 2.58
CA ASP B 4 8.90 7.86 3.76
C ASP B 4 9.68 8.48 4.90
N VAL B 5 10.28 9.63 4.67
CA VAL B 5 11.03 10.31 5.73
C VAL B 5 10.57 11.75 5.88
N ALA B 6 10.66 12.29 7.08
CA ALA B 6 10.40 13.71 7.28
C ALA B 6 11.13 14.56 6.25
N GLY B 7 10.46 15.60 5.74
CA GLY B 7 11.01 16.48 4.69
C GLY B 7 10.73 15.99 3.28
N ALA B 8 10.08 14.85 3.16
CA ALA B 8 9.84 14.29 1.84
C ALA B 8 8.38 14.49 1.52
N VAL B 9 8.11 14.37 0.24
CA VAL B 9 6.76 14.44 -0.32
C VAL B 9 6.43 13.06 -0.79
N ILE B 10 5.29 12.52 -0.39
CA ILE B 10 4.83 11.17 -0.79
C ILE B 10 3.47 11.25 -1.49
N ASP B 11 3.13 10.18 -2.21
CA ASP B 11 1.76 9.92 -2.67
C ASP B 11 0.74 10.02 -1.50
N GLY B 12 -0.29 10.84 -1.69
CA GLY B 12 -1.20 11.19 -0.59
C GLY B 12 -1.84 10.01 0.14
N ALA B 13 -2.09 8.94 -0.60
CA ALA B 13 -2.64 7.75 -0.03
C ALA B 13 -1.67 7.01 0.89
N GLY B 14 -0.38 7.36 0.86
CA GLY B 14 0.60 6.82 1.81
C GLY B 14 0.60 7.53 3.17
N LEU B 15 -0.14 8.61 3.28
CA LEU B 15 -0.27 9.25 4.56
C LEU B 15 -1.25 8.53 5.49
N GLY B 16 -0.75 8.23 6.70
CA GLY B 16 -1.51 7.56 7.74
C GLY B 16 -0.71 7.42 9.03
N PHE B 17 -1.34 6.87 10.04
CA PHE B 17 -0.67 6.66 11.31
C PHE B 17 0.67 5.93 11.18
N ASP B 18 0.76 4.92 10.33
CA ASP B 18 1.96 4.08 10.29
C ASP B 18 3.20 4.86 9.89
N VAL B 19 3.09 5.68 8.84
CA VAL B 19 4.25 6.46 8.40
C VAL B 19 4.62 7.53 9.40
N LEU B 20 3.62 8.13 10.06
CA LEU B 20 3.90 9.18 11.00
C LEU B 20 4.61 8.59 12.23
N LYS B 21 4.27 7.36 12.56
CA LYS B 21 4.94 6.69 13.67
C LYS B 21 6.39 6.35 13.32
N THR B 22 6.64 5.90 12.09
CA THR B 22 8.02 5.72 11.63
C THR B 22 8.83 7.03 11.72
N VAL B 23 8.21 8.14 11.31
CA VAL B 23 8.84 9.46 11.37
C VAL B 23 9.17 9.81 12.79
N LEU B 24 8.19 9.58 13.66
CA LEU B 24 8.29 9.86 15.07
C LEU B 24 9.40 9.08 15.72
N GLU B 25 9.48 7.80 15.38
CA GLU B 25 10.51 6.89 15.88
C GLU B 25 11.93 7.28 15.41
N ALA B 26 12.07 7.83 14.21
CA ALA B 26 13.43 8.18 13.68
C ALA B 26 14.11 9.32 14.46
N LEU B 27 13.31 10.07 15.22
CA LEU B 27 13.82 11.12 16.09
C LEU B 27 14.49 10.61 17.36
N GLY B 28 14.40 9.32 17.63
CA GLY B 28 15.04 8.75 18.83
C GLY B 28 14.36 9.17 20.13
N ASN B 29 15.08 8.97 21.22
CA ASN B 29 14.52 9.08 22.55
C ASN B 29 14.61 10.53 23.05
N VAL B 30 13.76 11.40 22.50
CA VAL B 30 13.64 12.76 23.02
C VAL B 30 12.30 12.90 23.71
N LYS B 31 12.28 13.73 24.74
CA LYS B 31 11.12 13.82 25.60
C LYS B 31 9.86 14.32 24.90
N ARG B 32 10.01 15.32 24.06
CA ARG B 32 8.82 15.84 23.36
C ARG B 32 9.11 15.95 21.89
N LYS B 33 8.25 15.33 21.09
CA LYS B 33 8.45 15.37 19.65
C LYS B 33 7.17 15.16 18.91
N ILE B 34 7.19 15.55 17.63
CA ILE B 34 6.00 15.45 16.77
C ILE B 34 6.34 15.02 15.34
N ALA B 35 5.49 14.15 14.80
CA ALA B 35 5.48 13.84 13.38
C ALA B 35 4.20 14.44 12.80
N VAL B 36 4.39 15.22 11.74
CA VAL B 36 3.28 15.99 11.09
C VAL B 36 3.10 15.51 9.65
N GLY B 37 1.87 15.15 9.31
CA GLY B 37 1.56 14.69 7.96
C GLY B 37 0.46 15.53 7.39
N ILE B 38 0.66 16.05 6.17
CA ILE B 38 -0.39 16.86 5.53
C ILE B 38 -0.62 16.53 4.07
N ASP B 39 -1.86 16.17 3.78
CA ASP B 39 -2.25 15.62 2.48
C ASP B 39 -2.92 16.69 1.65
N ASN B 40 -2.32 17.00 0.49
CA ASN B 40 -2.95 17.97 -0.42
C ASN B 40 -3.86 17.31 -1.37
N GLU B 41 -5.16 17.43 -1.16
CA GLU B 41 -6.16 17.09 -2.17
C GLU B 41 -7.02 18.35 -2.48
N SER B 42 -6.35 19.49 -2.55
CA SER B 42 -7.00 20.80 -2.54
C SER B 42 -7.35 21.28 -3.94
N GLY B 43 -6.79 20.63 -4.95
CA GLY B 43 -6.87 21.07 -6.33
C GLY B 43 -5.95 22.23 -6.62
N LYS B 44 -4.97 22.47 -5.75
CA LYS B 44 -4.04 23.59 -5.96
C LYS B 44 -2.67 23.21 -5.45
N THR B 45 -1.65 23.76 -6.10
CA THR B 45 -0.28 23.53 -5.69
C THR B 45 0.16 24.33 -4.47
N TRP B 46 0.87 23.66 -3.55
CA TRP B 46 1.44 24.32 -2.35
C TRP B 46 2.98 24.45 -2.43
N THR B 47 3.46 25.63 -2.07
CA THR B 47 4.87 25.96 -2.02
C THR B 47 5.21 26.41 -0.60
N ALA B 48 6.23 25.82 -0.01
CA ALA B 48 6.69 26.14 1.36
C ALA B 48 6.92 27.62 1.55
N MET B 49 6.42 28.19 2.66
CA MET B 49 6.84 29.56 3.08
C MET B 49 7.82 29.48 4.24
N ASN B 50 7.37 29.01 5.38
CA ASN B 50 8.25 28.91 6.57
C ASN B 50 7.57 28.19 7.70
N THR B 51 8.34 27.85 8.74
CA THR B 51 7.81 27.34 10.02
C THR B 51 8.20 28.34 11.10
N TYR B 52 7.25 28.74 11.95
CA TYR B 52 7.57 29.45 13.15
C TYR B 52 7.55 28.40 14.30
N PHE B 53 8.61 28.36 15.08
CA PHE B 53 8.61 27.60 16.34
C PHE B 53 8.59 28.53 17.53
N ARG B 54 7.51 28.49 18.31
CA ARG B 54 7.46 29.18 19.58
C ARG B 54 8.37 28.45 20.56
N SER B 55 8.20 27.14 20.63
CA SER B 55 9.10 26.32 21.37
C SER B 55 9.50 25.21 20.42
N GLY B 56 10.77 24.82 20.48
CA GLY B 56 11.23 23.65 19.78
C GLY B 56 11.86 23.99 18.45
N THR B 57 12.06 22.95 17.67
CA THR B 57 12.89 23.04 16.50
C THR B 57 12.69 21.82 15.60
N SER B 58 13.19 21.94 14.38
CA SER B 58 13.24 20.87 13.45
C SER B 58 14.51 21.10 12.74
N ASP B 59 15.25 20.02 12.52
CA ASP B 59 16.40 20.06 11.64
C ASP B 59 16.00 20.09 10.13
N ILE B 60 14.75 19.76 9.83
CA ILE B 60 14.23 19.53 8.47
C ILE B 60 13.85 20.86 7.84
N VAL B 61 14.18 21.03 6.55
CA VAL B 61 13.61 22.12 5.77
C VAL B 61 12.27 21.63 5.22
N LEU B 62 11.24 22.46 5.37
CA LEU B 62 9.92 22.15 4.75
C LEU B 62 10.15 21.67 3.30
N PRO B 63 9.56 20.57 2.87
CA PRO B 63 9.76 20.35 1.44
C PRO B 63 9.09 21.45 0.58
N HIS B 64 9.77 21.81 -0.49
CA HIS B 64 9.51 22.99 -1.29
C HIS B 64 8.14 22.94 -1.91
N LYS B 65 7.85 21.88 -2.67
CA LYS B 65 6.63 21.83 -3.46
C LYS B 65 5.71 20.64 -3.19
N VAL B 66 4.44 20.90 -2.87
CA VAL B 66 3.48 19.82 -2.64
C VAL B 66 2.31 19.93 -3.65
N ALA B 67 2.35 19.08 -4.67
CA ALA B 67 1.26 18.97 -5.65
C ALA B 67 -0.01 18.36 -5.06
N HIS B 68 -1.12 18.64 -5.74
CA HIS B 68 -2.39 17.98 -5.49
C HIS B 68 -2.18 16.52 -5.73
N GLY B 69 -2.64 15.68 -4.79
CA GLY B 69 -2.32 14.24 -4.90
C GLY B 69 -1.11 13.85 -4.06
N LYS B 70 -0.44 14.84 -3.43
CA LYS B 70 0.75 14.53 -2.62
C LYS B 70 0.56 14.92 -1.15
N ALA B 71 1.26 14.22 -0.27
CA ALA B 71 1.34 14.63 1.13
C ALA B 71 2.76 14.98 1.49
N LEU B 72 2.89 15.91 2.42
CA LEU B 72 4.17 16.23 2.99
C LEU B 72 4.30 15.62 4.36
N LEU B 73 5.54 15.30 4.69
CA LEU B 73 5.94 14.76 5.98
C LEU B 73 6.89 15.74 6.62
N TYR B 74 6.65 16.04 7.89
CA TYR B 74 7.48 16.96 8.61
C TYR B 74 7.63 16.49 10.08
N ASN B 75 8.54 17.11 10.81
CA ASN B 75 8.71 16.76 12.23
C ASN B 75 9.12 17.96 13.07
N GLY B 76 8.97 17.81 14.38
CA GLY B 76 9.45 18.81 15.33
C GLY B 76 9.90 18.10 16.59
N GLN B 77 10.77 18.76 17.34
CA GLN B 77 11.22 18.30 18.65
C GLN B 77 11.55 19.47 19.60
N LYS B 78 11.60 19.18 20.89
CA LYS B 78 11.94 20.21 21.87
C LYS B 78 13.36 20.68 21.65
N ASN B 79 13.67 21.90 22.06
CA ASN B 79 15.05 22.31 22.07
C ASN B 79 15.87 21.30 22.88
N ARG B 80 17.05 20.96 22.35
CA ARG B 80 17.96 20.02 22.98
C ARG B 80 18.56 20.67 24.21
N GLY B 81 18.89 19.85 25.20
CA GLY B 81 19.39 20.35 26.44
C GLY B 81 18.40 20.54 27.57
N PRO B 82 18.86 21.01 28.71
CA PRO B 82 18.06 21.02 29.93
C PRO B 82 17.07 22.19 29.99
N VAL B 83 16.13 22.27 29.04
CA VAL B 83 15.09 23.29 29.05
C VAL B 83 13.80 22.52 28.95
N ALA B 84 12.88 22.86 29.85
CA ALA B 84 11.63 22.15 30.01
C ALA B 84 10.58 22.81 29.16
N THR B 85 10.70 22.66 27.85
CA THR B 85 9.73 23.25 26.93
C THR B 85 9.31 22.15 25.99
N GLY B 86 8.27 22.41 25.19
CA GLY B 86 7.78 21.38 24.32
C GLY B 86 8.03 21.75 22.87
N VAL B 87 7.07 21.39 22.01
CA VAL B 87 7.20 21.75 20.64
C VAL B 87 5.89 22.39 20.13
N VAL B 88 5.99 23.67 19.87
CA VAL B 88 4.87 24.47 19.53
C VAL B 88 5.29 25.35 18.36
N GLY B 89 4.49 25.35 17.32
CA GLY B 89 4.71 26.27 16.25
C GLY B 89 3.69 26.14 15.17
N VAL B 90 4.00 26.81 14.05
CA VAL B 90 3.09 26.94 12.92
C VAL B 90 3.81 26.76 11.58
N ILE B 91 3.19 25.98 10.69
CA ILE B 91 3.67 25.79 9.35
C ILE B 91 2.81 26.64 8.41
N ALA B 92 3.46 27.30 7.45
CA ALA B 92 2.79 28.10 6.44
C ALA B 92 3.23 27.62 5.04
N TYR B 93 2.24 27.34 4.19
CA TYR B 93 2.47 27.03 2.77
C TYR B 93 1.63 27.97 1.94
N SER B 94 2.19 28.54 0.87
CA SER B 94 1.41 29.39 0.00
C SER B 94 0.73 28.50 -1.03
N MET B 95 -0.47 28.83 -1.42
CA MET B 95 -1.18 28.10 -2.44
C MET B 95 -1.05 28.87 -3.75
N SER B 96 -1.29 28.19 -4.87
CA SER B 96 -1.14 28.80 -6.20
C SER B 96 -2.06 30.00 -6.42
N ASP B 97 -3.17 30.06 -5.67
CA ASP B 97 -4.13 31.19 -5.71
C ASP B 97 -3.70 32.41 -4.89
N GLY B 98 -2.50 32.36 -4.33
CA GLY B 98 -2.02 33.42 -3.47
C GLY B 98 -2.52 33.40 -2.02
N ASN B 99 -3.25 32.36 -1.62
CA ASN B 99 -3.74 32.23 -0.22
C ASN B 99 -2.73 31.40 0.53
N THR B 100 -2.87 31.34 1.86
CA THR B 100 -1.89 30.67 2.66
C THR B 100 -2.54 29.59 3.52
N LEU B 101 -1.95 28.39 3.50
CA LEU B 101 -2.39 27.33 4.37
C LEU B 101 -1.49 27.38 5.62
N ALA B 102 -2.13 27.41 6.78
CA ALA B 102 -1.48 27.53 8.06
C ALA B 102 -1.89 26.37 8.97
N VAL B 103 -0.88 25.73 9.58
CA VAL B 103 -1.12 24.64 10.54
C VAL B 103 -0.42 24.97 11.85
N LEU B 104 -1.20 24.94 12.92
CA LEU B 104 -0.70 25.02 14.29
C LEU B 104 -0.55 23.62 14.83
N PHE B 105 0.55 23.42 15.59
CA PHE B 105 0.75 22.26 16.44
C PHE B 105 1.29 22.69 17.81
N SER B 106 0.78 22.07 18.87
CA SER B 106 1.20 22.46 20.23
C SER B 106 1.33 21.21 21.14
N VAL B 107 2.57 20.86 21.44
CA VAL B 107 2.87 19.76 22.33
C VAL B 107 3.55 20.36 23.56
N PRO B 108 2.86 20.42 24.72
CA PRO B 108 3.43 21.10 25.83
C PRO B 108 4.42 20.21 26.59
N TYR B 109 5.27 20.81 27.41
CA TYR B 109 6.14 20.03 28.27
C TYR B 109 5.31 19.42 29.39
N ASP B 110 4.53 20.25 30.07
CA ASP B 110 3.96 19.84 31.34
C ASP B 110 2.49 19.45 31.18
N TYR B 111 2.24 18.14 31.13
CA TYR B 111 0.87 17.64 30.98
C TYR B 111 -0.01 17.76 32.22
N ASN B 112 0.55 18.08 33.37
CA ASN B 112 -0.28 18.40 34.56
C ASN B 112 -1.06 19.69 34.35
N TRP B 113 -0.52 20.57 33.51
CA TRP B 113 -1.21 21.84 33.27
C TRP B 113 -1.72 22.04 31.86
N TYR B 114 -1.11 21.41 30.86
CA TYR B 114 -1.43 21.72 29.47
C TYR B 114 -1.72 20.45 28.72
N SER B 115 -2.27 20.64 27.51
CA SER B 115 -2.71 19.57 26.59
C SER B 115 -2.26 19.81 25.16
N ASN B 116 -2.39 18.79 24.33
CA ASN B 116 -2.00 18.91 22.93
C ASN B 116 -3.03 19.73 22.20
N TRP B 117 -2.63 20.60 21.28
CA TRP B 117 -3.62 21.23 20.40
C TRP B 117 -3.08 21.32 19.00
N TRP B 118 -4.00 21.46 18.05
CA TRP B 118 -3.64 21.82 16.71
C TRP B 118 -4.73 22.63 16.03
N ASN B 119 -4.35 23.20 14.90
CA ASN B 119 -5.30 23.92 14.08
C ASN B 119 -4.84 23.96 12.63
N VAL B 120 -5.78 24.33 11.77
CA VAL B 120 -5.53 24.45 10.36
C VAL B 120 -6.44 25.59 9.90
N ARG B 121 -5.92 26.44 9.04
CA ARG B 121 -6.69 27.56 8.53
C ARG B 121 -6.17 27.94 7.15
N VAL B 122 -7.03 28.51 6.31
CA VAL B 122 -6.59 29.24 5.13
C VAL B 122 -6.76 30.74 5.32
N TYR B 123 -5.66 31.48 5.13
CA TYR B 123 -5.62 32.95 5.18
C TYR B 123 -5.64 33.53 3.78
N LYS B 124 -6.29 34.68 3.66
CA LYS B 124 -6.25 35.44 2.43
C LYS B 124 -4.84 35.94 2.17
N GLY B 125 -4.33 35.74 0.96
CA GLY B 125 -3.02 36.30 0.61
C GLY B 125 -1.83 35.57 1.21
N GLN B 126 -0.62 36.07 0.96
CA GLN B 126 0.60 35.43 1.44
C GLN B 126 0.94 35.92 2.88
N LYS B 127 0.91 34.99 3.84
CA LYS B 127 1.31 35.33 5.20
C LYS B 127 2.32 34.34 5.74
N ARG B 128 3.47 34.83 6.15
CA ARG B 128 4.44 33.98 6.77
C ARG B 128 4.03 33.58 8.19
N ALA B 129 4.43 32.36 8.56
CA ALA B 129 4.29 31.90 9.91
C ALA B 129 5.11 32.76 10.87
N ASP B 130 4.46 33.24 11.95
CA ASP B 130 5.10 34.04 12.97
C ASP B 130 4.27 34.05 14.27
N GLN B 131 4.66 34.87 15.24
CA GLN B 131 4.11 34.78 16.60
C GLN B 131 2.65 35.23 16.57
N ARG B 132 2.37 36.29 15.82
CA ARG B 132 1.00 36.80 15.73
C ARG B 132 0.11 35.71 15.14
N MET B 133 0.54 35.03 14.08
CA MET B 133 -0.25 33.92 13.53
C MET B 133 -0.43 32.75 14.53
N TYR B 134 0.62 32.40 15.28
CA TYR B 134 0.49 31.44 16.37
C TYR B 134 -0.68 31.90 17.30
N GLU B 135 -0.66 33.17 17.69
CA GLU B 135 -1.68 33.71 18.61
C GLU B 135 -3.10 33.60 18.08
N GLU B 136 -3.29 33.90 16.80
CA GLU B 136 -4.61 33.80 16.19
C GLU B 136 -5.09 32.36 16.23
N LEU B 137 -4.23 31.44 15.84
CA LEU B 137 -4.63 30.06 15.65
C LEU B 137 -4.89 29.40 16.99
N TYR B 138 -4.11 29.77 18.00
CA TYR B 138 -4.22 29.22 19.31
C TYR B 138 -5.39 29.86 20.07
N TYR B 139 -5.39 31.19 20.18
CA TYR B 139 -6.33 31.93 21.03
C TYR B 139 -7.62 32.31 20.34
N HIS B 140 -7.60 32.48 19.01
CA HIS B 140 -8.73 33.15 18.35
C HIS B 140 -9.47 32.37 17.26
N ARG B 141 -8.96 31.22 16.84
CA ARG B 141 -9.57 30.49 15.72
C ARG B 141 -10.01 29.07 16.08
N SER B 142 -10.37 28.87 17.34
CA SER B 142 -10.95 27.61 17.81
C SER B 142 -10.10 26.40 17.46
N PRO B 143 -8.86 26.32 17.99
CA PRO B 143 -8.07 25.11 17.75
C PRO B 143 -8.78 23.84 18.19
N PHE B 144 -8.23 22.69 17.78
CA PHE B 144 -8.76 21.38 18.11
C PHE B 144 -7.84 20.76 19.15
N ARG B 145 -8.43 19.98 20.07
CA ARG B 145 -7.68 19.26 21.06
C ARG B 145 -6.97 18.07 20.44
N GLY B 146 -5.73 17.83 20.86
CA GLY B 146 -5.08 16.58 20.52
C GLY B 146 -5.63 15.52 21.46
N ASP B 147 -6.82 15.02 21.16
CA ASP B 147 -7.56 14.15 22.05
C ASP B 147 -7.78 12.80 21.44
N ASN B 148 -6.86 12.34 20.58
CA ASN B 148 -7.02 11.04 19.94
C ASN B 148 -8.31 10.84 19.13
N GLY B 149 -8.89 11.89 18.57
CA GLY B 149 -10.10 11.79 17.75
C GLY B 149 -9.97 12.66 16.52
N TRP B 150 -10.86 12.45 15.55
CA TRP B 150 -10.85 13.20 14.28
C TRP B 150 -11.71 14.44 14.39
N HIS B 151 -11.35 15.49 13.67
CA HIS B 151 -12.12 16.72 13.62
C HIS B 151 -12.21 17.20 12.16
N SER B 152 -13.43 17.48 11.71
CA SER B 152 -13.69 17.91 10.31
C SER B 152 -14.32 19.28 10.28
N ARG B 153 -13.79 20.18 9.44
CA ARG B 153 -14.28 21.53 9.38
C ARG B 153 -14.05 22.20 8.03
N GLY B 154 -15.01 23.02 7.59
CA GLY B 154 -14.83 23.83 6.38
C GLY B 154 -13.68 24.80 6.59
N LEU B 155 -12.98 25.15 5.51
CA LEU B 155 -11.93 26.18 5.60
C LEU B 155 -12.28 27.43 4.80
N GLY B 156 -13.39 27.38 4.08
CA GLY B 156 -13.66 28.38 3.05
C GLY B 156 -12.82 28.10 1.82
N TYR B 157 -12.98 28.95 0.82
CA TYR B 157 -12.24 28.83 -0.42
C TYR B 157 -12.47 27.47 -1.06
N GLY B 158 -13.66 26.89 -0.87
CA GLY B 158 -14.00 25.58 -1.44
C GLY B 158 -13.21 24.43 -0.83
N LEU B 159 -12.65 24.64 0.34
CA LEU B 159 -11.79 23.67 0.98
C LEU B 159 -12.38 23.24 2.33
N LYS B 160 -12.04 22.04 2.78
CA LYS B 160 -12.29 21.62 4.15
C LYS B 160 -11.09 20.81 4.67
N SER B 161 -11.08 20.57 5.96
CA SER B 161 -10.01 19.85 6.62
C SER B 161 -10.54 18.68 7.35
N ARG B 162 -9.71 17.64 7.47
CA ARG B 162 -10.00 16.51 8.35
C ARG B 162 -8.69 16.23 9.01
N GLY B 163 -8.67 16.16 10.35
CA GLY B 163 -7.43 15.88 11.05
C GLY B 163 -7.54 15.17 12.39
N PHE B 164 -6.40 14.58 12.77
CA PHE B 164 -6.28 13.81 13.99
C PHE B 164 -4.97 14.14 14.68
N MET B 165 -5.03 14.29 16.00
CA MET B 165 -3.82 14.39 16.79
C MET B 165 -3.97 13.60 18.04
N ASN B 166 -2.90 12.91 18.41
CA ASN B 166 -2.94 12.08 19.58
C ASN B 166 -2.74 12.95 20.84
N SER B 167 -2.78 12.33 22.02
CA SER B 167 -2.70 13.13 23.25
C SER B 167 -1.34 13.19 23.92
N SER B 168 -0.38 12.40 23.47
CA SER B 168 0.87 12.32 24.20
C SER B 168 1.99 13.24 23.71
N GLY B 169 3.07 13.22 24.49
CA GLY B 169 4.26 13.99 24.21
C GLY B 169 5.06 13.44 23.06
N HIS B 170 4.70 12.23 22.63
CA HIS B 170 5.19 11.72 21.35
C HIS B 170 4.01 11.81 20.39
N ALA B 171 3.94 12.96 19.70
CA ALA B 171 2.72 13.29 18.98
C ALA B 171 2.74 12.98 17.49
N ILE B 172 1.60 12.55 17.00
CA ILE B 172 1.35 12.51 15.60
C ILE B 172 0.17 13.44 15.22
N LEU B 173 0.35 14.10 14.08
CA LEU B 173 -0.58 15.05 13.56
C LEU B 173 -0.76 14.72 12.09
N GLU B 174 -1.98 14.31 11.75
CA GLU B 174 -2.34 13.89 10.38
C GLU B 174 -3.45 14.78 9.87
N ILE B 175 -3.21 15.50 8.78
CA ILE B 175 -4.21 16.44 8.24
C ILE B 175 -4.41 16.24 6.74
N HIS B 176 -5.68 16.27 6.30
CA HIS B 176 -6.07 16.16 4.88
C HIS B 176 -6.88 17.38 4.54
N VAL B 177 -6.49 18.03 3.46
CA VAL B 177 -7.17 19.20 2.99
C VAL B 177 -7.77 18.78 1.67
N THR B 178 -9.11 18.85 1.63
CA THR B 178 -9.87 18.46 0.46
C THR B 178 -10.79 19.58 -0.03
N LYS B 179 -11.31 19.41 -1.24
CA LYS B 179 -12.33 20.32 -1.75
C LYS B 179 -13.67 20.04 -1.09
N ALA B 180 -14.38 21.10 -0.72
CA ALA B 180 -15.62 21.03 0.06
C ALA B 180 -16.83 20.54 -0.72
N ASP C 4 0.23 -16.72 -4.15
CA ASP C 4 -1.22 -16.98 -4.25
C ASP C 4 -1.81 -17.72 -3.03
N VAL C 5 -1.07 -17.76 -1.94
CA VAL C 5 -1.61 -18.34 -0.73
C VAL C 5 -2.45 -17.30 -0.01
N ALA C 6 -3.46 -17.78 0.71
CA ALA C 6 -4.15 -16.97 1.69
C ALA C 6 -3.17 -16.18 2.59
N GLY C 7 -3.50 -14.93 2.90
CA GLY C 7 -2.64 -14.07 3.71
C GLY C 7 -1.73 -13.26 2.82
N ALA C 8 -1.69 -13.59 1.53
CA ALA C 8 -0.86 -12.84 0.59
C ALA C 8 -1.68 -11.74 -0.07
N VAL C 9 -0.98 -10.74 -0.59
CA VAL C 9 -1.56 -9.67 -1.40
C VAL C 9 -1.06 -9.87 -2.83
N ILE C 10 -1.94 -9.89 -3.83
CA ILE C 10 -1.48 -10.08 -5.22
C ILE C 10 -1.82 -8.87 -6.09
N ASP C 11 -1.29 -8.86 -7.30
CA ASP C 11 -1.70 -7.85 -8.27
C ASP C 11 -3.16 -8.10 -8.58
N GLY C 12 -3.98 -7.05 -8.49
CA GLY C 12 -5.44 -7.18 -8.51
C GLY C 12 -6.02 -7.92 -9.70
N ALA C 13 -5.35 -7.82 -10.84
CA ALA C 13 -5.79 -8.47 -12.05
C ALA C 13 -5.69 -9.97 -11.89
N GLY C 14 -4.85 -10.41 -10.96
CA GLY C 14 -4.65 -11.83 -10.74
C GLY C 14 -5.83 -12.46 -10.05
N LEU C 15 -6.64 -11.66 -9.35
CA LEU C 15 -7.73 -12.20 -8.59
C LEU C 15 -8.82 -12.77 -9.50
N GLY C 16 -9.15 -14.04 -9.26
CA GLY C 16 -10.26 -14.70 -9.93
C GLY C 16 -10.61 -16.02 -9.26
N PHE C 17 -11.62 -16.69 -9.80
CA PHE C 17 -12.16 -17.94 -9.26
C PHE C 17 -11.08 -19.01 -9.08
N ASP C 18 -10.16 -19.13 -10.05
CA ASP C 18 -9.12 -20.13 -9.97
C ASP C 18 -8.26 -19.99 -8.69
N VAL C 19 -7.76 -18.78 -8.43
CA VAL C 19 -6.94 -18.57 -7.23
C VAL C 19 -7.78 -18.83 -5.99
N LEU C 20 -9.06 -18.49 -6.02
CA LEU C 20 -9.91 -18.76 -4.85
C LEU C 20 -10.12 -20.25 -4.61
N LYS C 21 -10.19 -21.03 -5.68
CA LYS C 21 -10.27 -22.47 -5.56
C LYS C 21 -8.97 -23.11 -5.06
N THR C 22 -7.83 -22.52 -5.43
CA THR C 22 -6.57 -22.99 -4.89
C THR C 22 -6.59 -22.78 -3.36
N VAL C 23 -7.04 -21.61 -2.92
CA VAL C 23 -7.12 -21.30 -1.50
C VAL C 23 -8.05 -22.29 -0.77
N LEU C 24 -9.23 -22.57 -1.35
CA LEU C 24 -10.10 -23.62 -0.79
C LEU C 24 -9.37 -24.92 -0.64
N GLU C 25 -8.75 -25.37 -1.72
CA GLU C 25 -8.16 -26.69 -1.74
C GLU C 25 -7.09 -26.81 -0.66
N ALA C 26 -6.27 -25.78 -0.48
CA ALA C 26 -5.23 -25.79 0.54
C ALA C 26 -5.82 -26.01 1.94
N LEU C 27 -7.07 -25.61 2.18
CA LEU C 27 -7.74 -25.91 3.45
C LEU C 27 -7.94 -27.41 3.72
N GLY C 28 -7.92 -28.22 2.67
CA GLY C 28 -8.06 -29.66 2.80
C GLY C 28 -9.49 -30.08 3.10
N ASN C 29 -9.61 -31.21 3.75
CA ASN C 29 -10.85 -31.92 3.88
C ASN C 29 -11.74 -31.47 5.07
N VAL C 30 -12.36 -30.31 4.95
CA VAL C 30 -13.29 -29.85 5.99
C VAL C 30 -14.65 -29.50 5.35
N LYS C 31 -15.69 -29.54 6.17
CA LYS C 31 -17.07 -29.57 5.72
C LYS C 31 -17.57 -28.22 5.22
N ARG C 32 -17.13 -27.16 5.89
CA ARG C 32 -17.44 -25.80 5.52
C ARG C 32 -16.20 -24.93 5.61
N LYS C 33 -16.02 -24.09 4.61
CA LYS C 33 -14.83 -23.27 4.47
C LYS C 33 -15.07 -22.23 3.41
N ILE C 34 -14.24 -21.20 3.41
CA ILE C 34 -14.40 -20.10 2.46
C ILE C 34 -13.03 -19.56 2.04
N ALA C 35 -12.97 -19.16 0.78
CA ALA C 35 -11.83 -18.41 0.27
C ALA C 35 -12.36 -17.02 -0.08
N VAL C 36 -11.73 -15.99 0.47
CA VAL C 36 -12.14 -14.60 0.21
C VAL C 36 -11.02 -13.87 -0.54
N GLY C 37 -11.35 -13.30 -1.71
CA GLY C 37 -10.45 -12.40 -2.42
C GLY C 37 -11.09 -11.02 -2.51
N ILE C 38 -10.33 -9.98 -2.14
CA ILE C 38 -10.82 -8.58 -2.29
C ILE C 38 -9.85 -7.68 -3.06
N ASP C 39 -10.35 -7.16 -4.17
CA ASP C 39 -9.54 -6.39 -5.13
C ASP C 39 -9.67 -4.91 -4.77
N ASN C 40 -8.56 -4.23 -4.51
CA ASN C 40 -8.60 -2.79 -4.15
C ASN C 40 -8.23 -1.95 -5.36
N GLU C 41 -9.23 -1.27 -5.90
CA GLU C 41 -9.04 -0.22 -6.88
C GLU C 41 -9.75 1.03 -6.40
N SER C 42 -9.64 1.30 -5.10
CA SER C 42 -10.39 2.37 -4.44
C SER C 42 -9.68 3.73 -4.42
N GLY C 43 -8.42 3.77 -4.83
CA GLY C 43 -7.59 4.98 -4.74
C GLY C 43 -7.00 5.19 -3.36
N LYS C 44 -7.43 4.35 -2.42
CA LYS C 44 -7.04 4.42 -1.03
C LYS C 44 -6.19 3.23 -0.67
N THR C 45 -5.28 3.43 0.28
CA THR C 45 -4.54 2.34 0.86
C THR C 45 -5.45 1.73 1.96
N TRP C 46 -5.48 0.41 2.03
CA TRP C 46 -6.23 -0.27 3.11
C TRP C 46 -5.28 -0.89 4.12
N THR C 47 -5.67 -0.83 5.39
CA THR C 47 -4.86 -1.35 6.46
C THR C 47 -5.70 -2.28 7.29
N ALA C 48 -5.17 -3.47 7.52
CA ALA C 48 -5.95 -4.48 8.24
C ALA C 48 -6.46 -3.96 9.60
N MET C 49 -7.76 -4.08 9.87
CA MET C 49 -8.25 -3.86 11.26
C MET C 49 -8.44 -5.21 11.99
N ASN C 50 -9.43 -6.00 11.60
CA ASN C 50 -9.68 -7.27 12.27
C ASN C 50 -10.74 -8.06 11.56
N THR C 51 -10.85 -9.32 11.94
CA THR C 51 -11.95 -10.17 11.49
C THR C 51 -12.71 -10.63 12.73
N TYR C 52 -14.01 -10.41 12.72
CA TYR C 52 -14.89 -10.92 13.77
C TYR C 52 -15.50 -12.23 13.25
N PHE C 53 -15.40 -13.30 14.03
CA PHE C 53 -16.07 -14.57 13.73
C PHE C 53 -17.26 -14.78 14.62
N ARG C 54 -18.46 -14.81 14.05
CA ARG C 54 -19.64 -15.35 14.75
C ARG C 54 -19.49 -16.84 14.91
N SER C 55 -18.94 -17.49 13.90
CA SER C 55 -18.63 -18.92 14.01
C SER C 55 -17.50 -19.27 13.05
N GLY C 56 -16.71 -20.26 13.42
CA GLY C 56 -15.59 -20.67 12.61
C GLY C 56 -14.39 -19.83 12.96
N THR C 57 -13.34 -20.00 12.18
CA THR C 57 -12.03 -19.59 12.61
C THR C 57 -11.20 -19.34 11.38
N SER C 58 -10.07 -18.65 11.54
CA SER C 58 -9.02 -18.68 10.51
C SER C 58 -7.63 -18.72 11.17
N ASP C 59 -6.69 -19.49 10.63
CA ASP C 59 -5.29 -19.42 11.12
C ASP C 59 -4.48 -18.41 10.29
N ILE C 60 -5.19 -17.54 9.57
CA ILE C 60 -4.55 -16.66 8.61
C ILE C 60 -4.57 -15.24 9.08
N VAL C 61 -3.41 -14.60 9.03
CA VAL C 61 -3.30 -13.20 9.34
C VAL C 61 -3.81 -12.38 8.15
N LEU C 62 -4.86 -11.61 8.39
CA LEU C 62 -5.38 -10.64 7.43
C LEU C 62 -4.17 -9.91 6.78
N PRO C 63 -4.12 -9.85 5.44
CA PRO C 63 -3.02 -9.12 4.84
C PRO C 63 -3.00 -7.65 5.34
N HIS C 64 -1.86 -7.24 5.88
CA HIS C 64 -1.84 -6.02 6.69
C HIS C 64 -2.04 -4.76 5.83
N LYS C 65 -1.35 -4.71 4.68
CA LYS C 65 -1.27 -3.53 3.84
C LYS C 65 -1.63 -3.94 2.41
N VAL C 66 -2.75 -3.41 1.93
CA VAL C 66 -3.29 -3.69 0.59
C VAL C 66 -3.44 -2.36 -0.18
N ALA C 67 -2.44 -2.03 -0.98
CA ALA C 67 -2.50 -0.79 -1.76
C ALA C 67 -3.52 -0.86 -2.91
N HIS C 68 -3.98 0.30 -3.33
CA HIS C 68 -4.64 0.46 -4.63
C HIS C 68 -3.87 -0.29 -5.69
N GLY C 69 -4.58 -1.11 -6.46
CA GLY C 69 -3.94 -1.96 -7.49
C GLY C 69 -3.56 -3.34 -7.00
N LYS C 70 -3.82 -3.64 -5.72
CA LYS C 70 -3.59 -4.97 -5.19
C LYS C 70 -4.89 -5.60 -4.71
N ALA C 71 -4.93 -6.93 -4.78
CA ALA C 71 -5.94 -7.75 -4.08
C ALA C 71 -5.34 -8.51 -2.90
N LEU C 72 -6.17 -8.72 -1.87
CA LEU C 72 -5.83 -9.61 -0.73
C LEU C 72 -6.53 -10.94 -0.84
N LEU C 73 -5.85 -12.00 -0.37
CA LEU C 73 -6.38 -13.36 -0.29
C LEU C 73 -6.55 -13.74 1.18
N TYR C 74 -7.68 -14.37 1.50
CA TYR C 74 -8.03 -14.71 2.86
C TYR C 74 -8.83 -16.01 2.89
N ASN C 75 -8.92 -16.62 4.08
CA ASN C 75 -9.77 -17.80 4.22
C ASN C 75 -10.39 -17.94 5.60
N GLY C 76 -11.38 -18.81 5.71
CA GLY C 76 -11.87 -19.25 7.01
C GLY C 76 -12.46 -20.64 6.95
N GLN C 77 -12.71 -21.23 8.12
CA GLN C 77 -13.26 -22.58 8.16
C GLN C 77 -14.09 -22.79 9.42
N LYS C 78 -15.01 -23.76 9.37
CA LYS C 78 -15.88 -24.01 10.55
C LYS C 78 -14.98 -24.41 11.70
N ASN C 79 -15.55 -24.30 12.90
CA ASN C 79 -14.86 -24.77 14.09
C ASN C 79 -14.62 -26.25 13.90
N ARG C 80 -13.44 -26.67 14.29
CA ARG C 80 -13.06 -28.08 14.18
C ARG C 80 -13.86 -28.97 15.14
N GLY C 81 -14.24 -30.16 14.65
CA GLY C 81 -14.91 -31.17 15.49
C GLY C 81 -16.43 -31.27 15.34
N PRO C 82 -17.09 -31.98 16.28
CA PRO C 82 -18.50 -32.30 16.10
C PRO C 82 -19.43 -31.14 16.47
N VAL C 83 -19.28 -30.03 15.80
CA VAL C 83 -20.19 -28.89 15.97
C VAL C 83 -20.78 -28.65 14.61
N ALA C 84 -22.11 -28.56 14.55
CA ALA C 84 -22.80 -28.39 13.28
C ALA C 84 -22.94 -26.91 12.98
N THR C 85 -21.80 -26.27 12.79
CA THR C 85 -21.78 -24.84 12.51
C THR C 85 -21.01 -24.57 11.24
N GLY C 86 -21.20 -23.39 10.65
CA GLY C 86 -20.50 -23.03 9.45
C GLY C 86 -19.45 -21.98 9.71
N VAL C 87 -19.26 -21.07 8.75
CA VAL C 87 -18.21 -20.05 8.89
C VAL C 87 -18.80 -18.67 8.58
N VAL C 88 -18.85 -17.84 9.60
CA VAL C 88 -19.64 -16.60 9.54
C VAL C 88 -18.84 -15.51 10.24
N GLY C 89 -18.67 -14.39 9.54
CA GLY C 89 -17.87 -13.30 10.12
C GLY C 89 -17.88 -12.03 9.32
N VAL C 90 -17.14 -11.07 9.82
CA VAL C 90 -17.02 -9.75 9.18
C VAL C 90 -15.55 -9.35 9.22
N ILE C 91 -15.03 -9.01 8.04
CA ILE C 91 -13.69 -8.46 7.90
C ILE C 91 -13.75 -6.92 7.88
N ALA C 92 -12.83 -6.29 8.61
CA ALA C 92 -12.76 -4.82 8.67
C ALA C 92 -11.35 -4.39 8.29
N TYR C 93 -11.27 -3.47 7.31
CA TYR C 93 -10.05 -2.72 6.89
C TYR C 93 -10.32 -1.21 7.02
N SER C 94 -9.38 -0.49 7.62
CA SER C 94 -9.34 0.96 7.61
C SER C 94 -8.78 1.38 6.27
N MET C 95 -9.39 2.39 5.67
CA MET C 95 -8.87 2.99 4.45
C MET C 95 -8.27 4.37 4.75
N SER C 96 -7.42 4.85 3.86
CA SER C 96 -6.73 6.11 4.09
C SER C 96 -7.64 7.35 4.02
N ASP C 97 -8.87 7.20 3.57
CA ASP C 97 -9.82 8.29 3.69
C ASP C 97 -10.40 8.46 5.11
N GLY C 98 -10.02 7.56 6.02
CA GLY C 98 -10.45 7.61 7.38
C GLY C 98 -11.69 6.80 7.64
N ASN C 99 -12.15 6.05 6.65
CA ASN C 99 -13.33 5.24 6.80
C ASN C 99 -12.97 3.77 6.85
N THR C 100 -13.96 2.90 6.95
CA THR C 100 -13.74 1.47 7.12
C THR C 100 -14.51 0.71 6.06
N LEU C 101 -13.83 -0.24 5.40
CA LEU C 101 -14.46 -1.21 4.52
C LEU C 101 -14.72 -2.51 5.29
N ALA C 102 -15.96 -3.01 5.18
CA ALA C 102 -16.43 -4.12 6.00
C ALA C 102 -17.06 -5.16 5.07
N VAL C 103 -16.58 -6.39 5.13
CA VAL C 103 -17.13 -7.47 4.32
C VAL C 103 -17.77 -8.56 5.18
N LEU C 104 -19.04 -8.91 4.89
CA LEU C 104 -19.74 -9.94 5.64
C LEU C 104 -19.67 -11.16 4.80
N PHE C 105 -19.35 -12.30 5.41
CA PHE C 105 -19.51 -13.60 4.78
C PHE C 105 -20.31 -14.50 5.73
N SER C 106 -21.21 -15.32 5.19
CA SER C 106 -22.03 -16.20 6.01
C SER C 106 -22.22 -17.48 5.26
N VAL C 107 -21.66 -18.55 5.80
CA VAL C 107 -21.76 -19.86 5.20
C VAL C 107 -22.33 -20.79 6.26
N PRO C 108 -23.58 -21.24 6.10
CA PRO C 108 -24.14 -21.99 7.20
C PRO C 108 -23.81 -23.48 7.14
N TYR C 109 -24.12 -24.18 8.23
CA TYR C 109 -23.99 -25.59 8.27
C TYR C 109 -25.14 -26.24 7.52
N ASP C 110 -26.36 -25.83 7.83
CA ASP C 110 -27.58 -26.54 7.37
C ASP C 110 -28.25 -25.91 6.15
N TYR C 111 -28.00 -26.46 4.96
CA TYR C 111 -28.56 -25.94 3.72
C TYR C 111 -30.02 -26.32 3.51
N ASN C 112 -30.58 -27.16 4.37
CA ASN C 112 -32.03 -27.38 4.35
C ASN C 112 -32.80 -26.14 4.74
N TRP C 113 -32.19 -25.31 5.59
CA TRP C 113 -32.87 -24.12 6.10
C TRP C 113 -32.19 -22.80 5.89
N TYR C 114 -30.91 -22.79 5.52
CA TYR C 114 -30.14 -21.54 5.38
C TYR C 114 -29.35 -21.51 4.08
N SER C 115 -28.89 -20.33 3.73
CA SER C 115 -28.13 -20.10 2.52
C SER C 115 -26.91 -19.26 2.81
N ASN C 116 -26.01 -19.24 1.83
CA ASN C 116 -24.87 -18.36 1.83
C ASN C 116 -25.31 -16.91 1.65
N TRP C 117 -24.61 -15.99 2.33
CA TRP C 117 -24.89 -14.57 2.22
C TRP C 117 -23.54 -13.86 2.24
N TRP C 118 -23.51 -12.67 1.69
CA TRP C 118 -22.36 -11.81 1.87
C TRP C 118 -22.80 -10.39 1.77
N ASN C 119 -21.89 -9.50 2.15
CA ASN C 119 -22.18 -8.09 2.03
C ASN C 119 -20.94 -7.25 2.09
N VAL C 120 -21.06 -6.02 1.57
CA VAL C 120 -19.95 -5.05 1.60
C VAL C 120 -20.48 -3.68 1.91
N ARG C 121 -19.77 -2.95 2.76
CA ARG C 121 -20.26 -1.69 3.24
C ARG C 121 -19.11 -0.85 3.73
N VAL C 122 -19.19 0.46 3.49
CA VAL C 122 -18.23 1.42 3.99
C VAL C 122 -18.86 2.14 5.19
N TYR C 123 -18.23 2.07 6.35
CA TYR C 123 -18.66 2.76 7.54
C TYR C 123 -17.82 4.01 7.69
N LYS C 124 -18.44 5.07 8.19
CA LYS C 124 -17.75 6.31 8.48
C LYS C 124 -16.84 6.09 9.68
N GLY C 125 -15.59 6.51 9.56
CA GLY C 125 -14.61 6.41 10.63
C GLY C 125 -13.95 5.06 10.71
N GLN C 126 -13.02 4.96 11.66
CA GLN C 126 -12.28 3.74 11.87
C GLN C 126 -13.06 2.85 12.83
N LYS C 127 -13.60 1.75 12.31
CA LYS C 127 -14.36 0.83 13.14
C LYS C 127 -13.75 -0.55 13.17
N ARG C 128 -14.01 -1.27 14.23
CA ARG C 128 -13.65 -2.68 14.32
C ARG C 128 -14.84 -3.56 13.96
N ALA C 129 -14.59 -4.63 13.24
CA ALA C 129 -15.61 -5.63 13.06
C ALA C 129 -15.98 -6.24 14.41
N ASP C 130 -17.28 -6.35 14.69
CA ASP C 130 -17.74 -7.03 15.90
C ASP C 130 -19.14 -7.60 15.68
N GLN C 131 -19.74 -8.15 16.75
CA GLN C 131 -21.13 -8.64 16.71
C GLN C 131 -22.16 -7.59 16.24
N ARG C 132 -22.11 -6.37 16.75
CA ARG C 132 -23.02 -5.35 16.25
C ARG C 132 -22.83 -5.15 14.74
N MET C 133 -21.59 -5.14 14.24
CA MET C 133 -21.38 -4.96 12.79
C MET C 133 -21.95 -6.13 12.00
N TYR C 134 -21.78 -7.35 12.50
CA TYR C 134 -22.45 -8.51 11.91
C TYR C 134 -23.98 -8.30 11.80
N GLU C 135 -24.61 -7.84 12.87
CA GLU C 135 -26.07 -7.73 12.85
C GLU C 135 -26.55 -6.72 11.85
N GLU C 136 -25.82 -5.61 11.75
CA GLU C 136 -26.10 -4.61 10.77
C GLU C 136 -26.02 -5.18 9.33
N LEU C 137 -24.86 -5.73 8.97
CA LEU C 137 -24.64 -6.16 7.59
C LEU C 137 -25.57 -7.29 7.18
N TYR C 138 -25.97 -8.14 8.14
CA TYR C 138 -26.81 -9.31 7.86
C TYR C 138 -28.29 -8.94 7.88
N TYR C 139 -28.76 -8.35 8.99
CA TYR C 139 -30.17 -8.02 9.18
C TYR C 139 -30.58 -6.68 8.65
N HIS C 140 -29.67 -5.72 8.53
CA HIS C 140 -30.15 -4.38 8.26
C HIS C 140 -29.70 -3.72 6.97
N ARG C 141 -28.63 -4.21 6.34
CA ARG C 141 -28.08 -3.46 5.18
C ARG C 141 -28.10 -4.29 3.91
N SER C 142 -29.18 -5.06 3.71
CA SER C 142 -29.47 -5.81 2.50
C SER C 142 -28.32 -6.70 1.95
N PRO C 143 -27.94 -7.77 2.69
CA PRO C 143 -26.86 -8.64 2.15
C PRO C 143 -27.23 -9.30 0.81
N PHE C 144 -26.21 -9.67 0.04
CA PHE C 144 -26.41 -10.36 -1.24
C PHE C 144 -26.43 -11.85 -0.95
N ARG C 145 -27.31 -12.55 -1.65
CA ARG C 145 -27.29 -14.00 -1.59
C ARG C 145 -26.06 -14.54 -2.29
N GLY C 146 -25.48 -15.60 -1.71
CA GLY C 146 -24.50 -16.38 -2.42
C GLY C 146 -25.20 -17.26 -3.42
N ASP C 147 -25.59 -16.69 -4.55
CA ASP C 147 -26.52 -17.35 -5.50
C ASP C 147 -25.83 -17.67 -6.84
N ASN C 148 -24.52 -17.83 -6.78
CA ASN C 148 -23.68 -17.97 -7.98
C ASN C 148 -23.90 -16.84 -8.96
N GLY C 149 -24.25 -15.66 -8.47
CA GLY C 149 -24.50 -14.48 -9.31
C GLY C 149 -23.67 -13.27 -8.87
N TRP C 150 -23.37 -12.39 -9.83
CA TRP C 150 -22.65 -11.16 -9.58
C TRP C 150 -23.64 -10.15 -9.08
N HIS C 151 -23.25 -9.36 -8.10
CA HIS C 151 -24.03 -8.23 -7.65
C HIS C 151 -23.13 -7.00 -7.53
N SER C 152 -23.65 -5.86 -7.98
CA SER C 152 -22.95 -4.62 -7.92
C SER C 152 -23.77 -3.64 -7.16
N ARG C 153 -23.12 -2.69 -6.50
CA ARG C 153 -23.85 -1.71 -5.73
C ARG C 153 -22.88 -0.62 -5.28
N GLY C 154 -23.34 0.63 -5.39
CA GLY C 154 -22.68 1.81 -4.83
C GLY C 154 -22.46 1.71 -3.32
N LEU C 155 -21.33 2.25 -2.86
CA LEU C 155 -20.92 2.16 -1.47
C LEU C 155 -20.99 3.54 -0.80
N GLY C 156 -21.41 4.57 -1.55
CA GLY C 156 -21.17 5.95 -1.15
C GLY C 156 -19.66 6.21 -1.11
N TYR C 157 -19.28 7.40 -0.64
CA TYR C 157 -17.87 7.79 -0.43
C TYR C 157 -17.03 7.68 -1.70
N GLY C 158 -17.68 7.83 -2.85
CA GLY C 158 -16.98 7.72 -4.14
C GLY C 158 -16.68 6.29 -4.56
N LEU C 159 -17.27 5.32 -3.88
CA LEU C 159 -16.96 3.94 -4.17
C LEU C 159 -18.16 3.07 -4.55
N LYS C 160 -17.85 1.93 -5.17
CA LYS C 160 -18.84 0.93 -5.45
C LYS C 160 -18.22 -0.46 -5.31
N SER C 161 -19.09 -1.43 -5.05
CA SER C 161 -18.73 -2.86 -4.95
C SER C 161 -19.27 -3.63 -6.13
N ARG C 162 -18.51 -4.65 -6.54
CA ARG C 162 -19.03 -5.65 -7.48
C ARG C 162 -18.50 -6.97 -6.93
N GLY C 163 -19.37 -7.99 -6.81
CA GLY C 163 -18.98 -9.26 -6.20
C GLY C 163 -19.85 -10.44 -6.52
N PHE C 164 -19.29 -11.62 -6.29
CA PHE C 164 -19.87 -12.90 -6.64
C PHE C 164 -19.58 -13.84 -5.50
N MET C 165 -20.60 -14.58 -5.07
CA MET C 165 -20.41 -15.67 -4.13
C MET C 165 -21.21 -16.89 -4.59
N ASN C 166 -20.60 -18.06 -4.52
CA ASN C 166 -21.32 -19.25 -4.94
C ASN C 166 -22.29 -19.67 -3.81
N SER C 167 -22.91 -20.84 -3.95
CA SER C 167 -24.01 -21.21 -3.08
C SER C 167 -23.73 -22.37 -2.13
N SER C 168 -22.56 -22.98 -2.23
CA SER C 168 -22.28 -24.23 -1.52
C SER C 168 -21.35 -24.07 -0.31
N GLY C 169 -21.14 -25.19 0.37
CA GLY C 169 -20.46 -25.19 1.65
C GLY C 169 -18.99 -24.93 1.52
N HIS C 170 -18.46 -25.21 0.33
CA HIS C 170 -17.14 -24.83 -0.04
C HIS C 170 -17.26 -23.55 -0.85
N ALA C 171 -17.03 -22.41 -0.19
CA ALA C 171 -17.45 -21.09 -0.74
C ALA C 171 -16.31 -20.27 -1.32
N ILE C 172 -16.56 -19.60 -2.45
CA ILE C 172 -15.66 -18.57 -2.94
C ILE C 172 -16.40 -17.27 -2.94
N LEU C 173 -15.72 -16.21 -2.47
CA LEU C 173 -16.25 -14.86 -2.47
C LEU C 173 -15.23 -13.91 -3.10
N GLU C 174 -15.61 -13.22 -4.19
CA GLU C 174 -14.69 -12.38 -4.95
C GLU C 174 -15.30 -11.00 -4.97
N ILE C 175 -14.61 -10.03 -4.38
CA ILE C 175 -15.11 -8.67 -4.31
C ILE C 175 -14.11 -7.72 -5.01
N HIS C 176 -14.65 -6.86 -5.87
CA HIS C 176 -13.92 -5.73 -6.43
C HIS C 176 -14.52 -4.40 -5.92
N VAL C 177 -13.64 -3.56 -5.38
CA VAL C 177 -14.01 -2.24 -4.91
C VAL C 177 -13.34 -1.21 -5.79
N THR C 178 -14.16 -0.43 -6.50
CA THR C 178 -13.70 0.55 -7.48
C THR C 178 -14.23 1.94 -7.18
N LYS C 179 -13.78 2.92 -7.95
CA LYS C 179 -14.30 4.28 -7.84
C LYS C 179 -15.61 4.32 -8.60
N ALA C 180 -16.56 5.06 -8.06
CA ALA C 180 -17.92 5.05 -8.59
C ALA C 180 -17.99 5.77 -9.92
N ASP D 4 -32.05 -29.95 -9.51
CA ASP D 4 -30.88 -30.66 -10.11
C ASP D 4 -30.12 -29.67 -10.92
N VAL D 5 -29.16 -29.02 -10.26
CA VAL D 5 -28.32 -28.01 -10.87
C VAL D 5 -26.89 -28.52 -10.73
N ALA D 6 -26.01 -28.03 -11.59
CA ALA D 6 -24.57 -28.33 -11.46
C ALA D 6 -24.12 -27.92 -10.09
N GLY D 7 -23.19 -28.69 -9.50
CA GLY D 7 -22.71 -28.46 -8.16
C GLY D 7 -23.48 -29.25 -7.09
N ALA D 8 -24.62 -29.81 -7.47
CA ALA D 8 -25.47 -30.44 -6.47
C ALA D 8 -25.29 -31.95 -6.51
N VAL D 9 -25.81 -32.56 -5.46
CA VAL D 9 -25.76 -33.99 -5.28
C VAL D 9 -27.20 -34.52 -5.30
N ILE D 10 -27.51 -35.45 -6.18
CA ILE D 10 -28.88 -35.94 -6.34
C ILE D 10 -28.96 -37.43 -6.05
N ASP D 11 -30.17 -37.96 -5.94
CA ASP D 11 -30.37 -39.41 -5.88
C ASP D 11 -29.88 -40.04 -7.16
N GLY D 12 -29.12 -41.12 -7.03
CA GLY D 12 -28.41 -41.75 -8.15
C GLY D 12 -29.32 -42.15 -9.28
N ALA D 13 -30.52 -42.57 -8.92
CA ALA D 13 -31.55 -42.94 -9.87
C ALA D 13 -32.03 -41.75 -10.68
N GLY D 14 -31.83 -40.53 -10.18
CA GLY D 14 -32.29 -39.32 -10.88
C GLY D 14 -31.39 -38.97 -12.04
N LEU D 15 -30.25 -39.64 -12.13
CA LEU D 15 -29.29 -39.29 -13.13
C LEU D 15 -29.64 -39.91 -14.49
N GLY D 16 -29.67 -39.05 -15.51
CA GLY D 16 -29.79 -39.46 -16.88
C GLY D 16 -29.58 -38.30 -17.80
N PHE D 17 -29.69 -38.57 -19.10
CA PHE D 17 -29.49 -37.58 -20.15
C PHE D 17 -30.31 -36.28 -19.94
N ASP D 18 -31.56 -36.41 -19.52
CA ASP D 18 -32.47 -35.24 -19.39
C ASP D 18 -31.98 -34.22 -18.36
N VAL D 19 -31.61 -34.71 -17.19
CA VAL D 19 -30.94 -33.90 -16.18
C VAL D 19 -29.68 -33.22 -16.72
N LEU D 20 -28.85 -33.96 -17.45
CA LEU D 20 -27.59 -33.42 -17.94
C LEU D 20 -27.80 -32.39 -19.03
N LYS D 21 -28.81 -32.59 -19.85
CA LYS D 21 -29.22 -31.60 -20.84
C LYS D 21 -29.66 -30.30 -20.17
N THR D 22 -30.44 -30.40 -19.09
CA THR D 22 -30.91 -29.18 -18.41
C THR D 22 -29.68 -28.38 -17.93
N VAL D 23 -28.78 -29.08 -17.27
CA VAL D 23 -27.49 -28.54 -16.80
C VAL D 23 -26.75 -27.82 -17.91
N LEU D 24 -26.66 -28.49 -19.07
CA LEU D 24 -25.95 -27.99 -20.22
C LEU D 24 -26.62 -26.76 -20.80
N GLU D 25 -27.96 -26.75 -20.81
CA GLU D 25 -28.70 -25.62 -21.35
C GLU D 25 -28.57 -24.39 -20.48
N ALA D 26 -28.43 -24.58 -19.17
CA ALA D 26 -28.36 -23.42 -18.25
C ALA D 26 -27.01 -22.67 -18.34
N LEU D 27 -26.04 -23.25 -19.02
CA LEU D 27 -24.80 -22.56 -19.38
C LEU D 27 -25.03 -21.53 -20.48
N GLY D 28 -26.12 -21.66 -21.24
CA GLY D 28 -26.41 -20.71 -22.32
C GLY D 28 -25.60 -20.95 -23.57
N ASN D 29 -25.56 -19.94 -24.44
CA ASN D 29 -25.00 -20.15 -25.76
C ASN D 29 -23.51 -19.88 -25.76
N VAL D 30 -22.74 -20.76 -25.11
CA VAL D 30 -21.29 -20.69 -25.27
C VAL D 30 -20.92 -21.76 -26.30
N LYS D 31 -19.85 -21.49 -27.03
CA LYS D 31 -19.45 -22.39 -28.09
C LYS D 31 -19.08 -23.81 -27.64
N ARG D 32 -18.48 -23.96 -26.47
CA ARG D 32 -18.06 -25.31 -26.04
C ARG D 32 -18.29 -25.44 -24.57
N LYS D 33 -19.11 -26.42 -24.24
CA LYS D 33 -19.51 -26.62 -22.86
C LYS D 33 -19.79 -28.11 -22.64
N ILE D 34 -19.82 -28.49 -21.37
CA ILE D 34 -20.06 -29.84 -20.92
C ILE D 34 -20.94 -29.94 -19.65
N ALA D 35 -21.86 -30.91 -19.67
CA ALA D 35 -22.52 -31.34 -18.46
C ALA D 35 -22.05 -32.75 -18.14
N VAL D 36 -21.61 -32.91 -16.90
CA VAL D 36 -21.01 -34.16 -16.38
C VAL D 36 -21.81 -34.72 -15.22
N GLY D 37 -22.20 -36.00 -15.31
CA GLY D 37 -22.98 -36.63 -14.26
C GLY D 37 -22.25 -37.89 -13.85
N ILE D 38 -22.06 -38.11 -12.56
CA ILE D 38 -21.34 -39.32 -12.12
C ILE D 38 -22.10 -39.98 -10.98
N ASP D 39 -22.52 -41.24 -11.21
CA ASP D 39 -23.32 -42.00 -10.25
C ASP D 39 -22.43 -42.86 -9.36
N ASN D 40 -22.52 -42.62 -8.04
CA ASN D 40 -21.77 -43.42 -7.08
C ASN D 40 -22.58 -44.57 -6.51
N GLU D 41 -22.35 -45.78 -7.06
CA GLU D 41 -22.90 -47.02 -6.53
C GLU D 41 -21.73 -47.91 -6.13
N SER D 42 -20.67 -47.26 -5.63
CA SER D 42 -19.35 -47.88 -5.42
C SER D 42 -19.24 -48.60 -4.08
N GLY D 43 -20.27 -48.52 -3.27
CA GLY D 43 -20.21 -48.95 -1.86
C GLY D 43 -19.18 -48.16 -1.07
N LYS D 44 -18.89 -46.93 -1.49
CA LYS D 44 -17.82 -46.12 -0.92
C LYS D 44 -18.21 -44.64 -0.93
N THR D 45 -17.83 -43.90 0.12
CA THR D 45 -18.03 -42.48 0.15
C THR D 45 -16.91 -41.75 -0.65
N TRP D 46 -17.33 -40.81 -1.51
CA TRP D 46 -16.40 -39.92 -2.24
C TRP D 46 -16.42 -38.49 -1.64
N THR D 47 -15.23 -37.91 -1.57
CA THR D 47 -15.00 -36.56 -1.09
C THR D 47 -14.19 -35.83 -2.13
N ALA D 48 -14.67 -34.67 -2.54
CA ALA D 48 -14.00 -33.87 -3.57
C ALA D 48 -12.57 -33.60 -3.22
N MET D 49 -11.71 -33.70 -4.23
CA MET D 49 -10.35 -33.21 -4.17
C MET D 49 -10.18 -31.97 -5.02
N ASN D 50 -10.29 -32.11 -6.34
CA ASN D 50 -10.10 -30.97 -7.21
C ASN D 50 -10.41 -31.30 -8.66
N THR D 51 -10.51 -30.26 -9.50
CA THR D 51 -10.64 -30.38 -10.94
C THR D 51 -9.43 -29.70 -11.56
N TYR D 52 -8.81 -30.34 -12.53
CA TYR D 52 -7.74 -29.72 -13.27
C TYR D 52 -8.34 -29.41 -14.65
N PHE D 53 -8.23 -28.17 -15.07
CA PHE D 53 -8.63 -27.78 -16.40
C PHE D 53 -7.40 -27.54 -17.26
N ARG D 54 -7.20 -28.35 -18.29
CA ARG D 54 -6.18 -28.03 -19.28
C ARG D 54 -6.67 -26.88 -20.16
N SER D 55 -7.94 -26.92 -20.52
CA SER D 55 -8.58 -25.87 -21.28
C SER D 55 -9.92 -25.73 -20.63
N GLY D 56 -10.36 -24.50 -20.43
CA GLY D 56 -11.70 -24.26 -19.96
C GLY D 56 -11.75 -24.13 -18.46
N THR D 57 -12.99 -24.00 -17.98
CA THR D 57 -13.23 -23.56 -16.62
C THR D 57 -14.61 -24.02 -16.15
N SER D 58 -14.91 -23.73 -14.89
CA SER D 58 -16.20 -24.00 -14.32
C SER D 58 -16.27 -23.06 -13.17
N ASP D 59 -17.30 -22.25 -13.14
CA ASP D 59 -17.64 -21.46 -11.98
C ASP D 59 -18.02 -22.32 -10.72
N ILE D 60 -18.36 -23.57 -10.93
CA ILE D 60 -18.91 -24.43 -9.90
C ILE D 60 -17.81 -25.03 -9.03
N VAL D 61 -18.06 -25.09 -7.72
CA VAL D 61 -17.20 -25.88 -6.83
C VAL D 61 -17.72 -27.32 -6.82
N LEU D 62 -16.79 -28.27 -6.91
CA LEU D 62 -17.18 -29.69 -6.94
C LEU D 62 -18.12 -30.01 -5.75
N PRO D 63 -19.19 -30.74 -5.97
CA PRO D 63 -19.86 -31.22 -4.76
C PRO D 63 -18.86 -31.85 -3.72
N HIS D 64 -18.89 -31.38 -2.47
CA HIS D 64 -17.96 -31.89 -1.43
C HIS D 64 -18.11 -33.41 -1.24
N LYS D 65 -19.33 -33.85 -0.97
CA LYS D 65 -19.58 -35.21 -0.50
C LYS D 65 -20.54 -36.02 -1.37
N VAL D 66 -20.06 -37.10 -1.99
CA VAL D 66 -20.97 -37.99 -2.73
C VAL D 66 -21.02 -39.37 -2.05
N ALA D 67 -22.08 -39.63 -1.28
CA ALA D 67 -22.29 -40.94 -0.66
C ALA D 67 -22.78 -41.93 -1.71
N HIS D 68 -22.65 -43.21 -1.39
CA HIS D 68 -23.20 -44.32 -2.16
C HIS D 68 -24.69 -44.11 -2.38
N GLY D 69 -25.20 -44.43 -3.56
CA GLY D 69 -26.61 -44.18 -3.86
C GLY D 69 -26.89 -42.74 -4.34
N LYS D 70 -25.85 -41.91 -4.42
CA LYS D 70 -25.97 -40.50 -4.86
C LYS D 70 -25.22 -40.28 -6.18
N ALA D 71 -25.68 -39.33 -6.99
CA ALA D 71 -24.89 -38.82 -8.13
C ALA D 71 -24.55 -37.33 -7.97
N LEU D 72 -23.42 -36.91 -8.55
CA LEU D 72 -22.99 -35.55 -8.54
C LEU D 72 -23.25 -35.01 -9.92
N LEU D 73 -23.51 -33.72 -9.96
CA LEU D 73 -23.69 -32.98 -11.19
C LEU D 73 -22.63 -31.90 -11.24
N TYR D 74 -22.04 -31.75 -12.43
CA TYR D 74 -20.96 -30.79 -12.61
C TYR D 74 -20.98 -30.25 -14.09
N ASN D 75 -20.23 -29.18 -14.31
CA ASN D 75 -20.17 -28.60 -15.64
C ASN D 75 -18.83 -27.99 -15.94
N GLY D 76 -18.54 -27.84 -17.21
CA GLY D 76 -17.37 -27.11 -17.66
C GLY D 76 -17.81 -26.24 -18.84
N GLN D 77 -17.01 -25.22 -19.14
CA GLN D 77 -17.14 -24.44 -20.38
C GLN D 77 -15.77 -23.89 -20.84
N LYS D 78 -15.73 -23.40 -22.07
CA LYS D 78 -14.52 -22.82 -22.58
C LYS D 78 -14.20 -21.53 -21.86
N ASN D 79 -12.92 -21.19 -21.85
CA ASN D 79 -12.49 -19.89 -21.37
C ASN D 79 -13.26 -18.82 -22.11
N ARG D 80 -13.80 -17.86 -21.35
CA ARG D 80 -14.60 -16.81 -21.89
C ARG D 80 -13.70 -15.88 -22.67
N GLY D 81 -14.24 -15.31 -23.74
CA GLY D 81 -13.47 -14.37 -24.53
C GLY D 81 -12.94 -14.93 -25.83
N PRO D 82 -12.21 -14.13 -26.59
CA PRO D 82 -11.80 -14.56 -27.92
C PRO D 82 -10.61 -15.52 -27.89
N VAL D 83 -10.81 -16.72 -27.40
CA VAL D 83 -9.77 -17.73 -27.38
C VAL D 83 -10.39 -19.01 -27.92
N ALA D 84 -9.70 -19.58 -28.89
CA ALA D 84 -10.22 -20.74 -29.62
C ALA D 84 -9.85 -22.01 -28.92
N THR D 85 -10.44 -22.30 -27.77
CA THR D 85 -10.12 -23.56 -27.07
C THR D 85 -11.34 -24.30 -26.61
N GLY D 86 -11.17 -25.55 -26.19
CA GLY D 86 -12.31 -26.37 -25.81
C GLY D 86 -12.45 -26.47 -24.30
N VAL D 87 -12.89 -27.64 -23.82
CA VAL D 87 -13.01 -27.85 -22.41
C VAL D 87 -12.51 -29.26 -22.12
N VAL D 88 -11.37 -29.29 -21.45
CA VAL D 88 -10.62 -30.50 -21.26
C VAL D 88 -10.09 -30.42 -19.87
N GLY D 89 -10.40 -31.43 -19.06
CA GLY D 89 -9.73 -31.57 -17.81
C GLY D 89 -10.11 -32.82 -17.07
N VAL D 90 -9.63 -32.90 -15.83
CA VAL D 90 -9.79 -34.09 -15.02
C VAL D 90 -10.44 -33.74 -13.67
N ILE D 91 -11.46 -34.52 -13.29
CA ILE D 91 -12.05 -34.40 -11.97
C ILE D 91 -11.45 -35.51 -11.11
N ALA D 92 -11.15 -35.19 -9.84
CA ALA D 92 -10.58 -36.14 -8.87
C ALA D 92 -11.38 -36.17 -7.53
N TYR D 93 -11.91 -37.33 -7.15
CA TYR D 93 -12.53 -37.54 -5.84
C TYR D 93 -11.76 -38.57 -5.03
N SER D 94 -11.53 -38.33 -3.75
CA SER D 94 -10.93 -39.41 -2.93
C SER D 94 -12.08 -40.31 -2.47
N MET D 95 -11.80 -41.60 -2.29
CA MET D 95 -12.76 -42.56 -1.81
C MET D 95 -12.37 -42.89 -0.38
N SER D 96 -13.29 -43.46 0.37
CA SER D 96 -13.11 -43.70 1.81
C SER D 96 -12.04 -44.74 2.14
N ASP D 97 -11.68 -45.58 1.17
CA ASP D 97 -10.59 -46.55 1.26
C ASP D 97 -9.20 -45.99 0.96
N GLY D 98 -9.12 -44.70 0.68
CA GLY D 98 -7.85 -44.03 0.45
C GLY D 98 -7.49 -43.99 -1.00
N ASN D 99 -8.39 -44.43 -1.87
CA ASN D 99 -8.13 -44.44 -3.29
C ASN D 99 -8.85 -43.27 -3.92
N THR D 100 -8.41 -42.90 -5.11
CA THR D 100 -8.89 -41.74 -5.83
C THR D 100 -9.62 -42.20 -7.09
N LEU D 101 -10.81 -41.66 -7.32
CA LEU D 101 -11.49 -41.78 -8.57
C LEU D 101 -11.23 -40.53 -9.42
N ALA D 102 -10.88 -40.78 -10.68
CA ALA D 102 -10.48 -39.72 -11.59
C ALA D 102 -11.22 -39.84 -12.90
N VAL D 103 -11.73 -38.70 -13.35
CA VAL D 103 -12.48 -38.64 -14.58
C VAL D 103 -11.90 -37.61 -15.57
N LEU D 104 -11.60 -38.11 -16.78
CA LEU D 104 -11.21 -37.29 -17.90
C LEU D 104 -12.39 -36.90 -18.78
N PHE D 105 -12.45 -35.62 -19.14
CA PHE D 105 -13.30 -35.15 -20.22
C PHE D 105 -12.50 -34.33 -21.23
N SER D 106 -12.84 -34.47 -22.50
CA SER D 106 -12.14 -33.74 -23.54
C SER D 106 -13.12 -33.37 -24.65
N VAL D 107 -13.41 -32.08 -24.73
CA VAL D 107 -14.27 -31.48 -25.73
C VAL D 107 -13.41 -30.50 -26.56
N PRO D 108 -13.00 -30.87 -27.79
CA PRO D 108 -12.08 -29.98 -28.49
C PRO D 108 -12.76 -28.75 -29.08
N TYR D 109 -11.96 -27.77 -29.45
CA TYR D 109 -12.49 -26.65 -30.16
C TYR D 109 -12.80 -27.11 -31.58
N ASP D 110 -11.81 -27.68 -32.27
CA ASP D 110 -11.88 -27.89 -33.72
C ASP D 110 -12.23 -29.34 -34.06
N TYR D 111 -13.47 -29.55 -34.47
CA TYR D 111 -13.89 -30.91 -34.84
C TYR D 111 -13.33 -31.37 -36.16
N ASN D 112 -12.79 -30.48 -36.99
CA ASN D 112 -12.10 -30.96 -38.20
C ASN D 112 -10.85 -31.80 -37.90
N TRP D 113 -10.22 -31.56 -36.75
CA TRP D 113 -9.01 -32.29 -36.42
C TRP D 113 -9.17 -33.23 -35.23
N TYR D 114 -10.06 -32.88 -34.31
CA TYR D 114 -10.17 -33.60 -33.04
C TYR D 114 -11.60 -34.05 -32.78
N SER D 115 -11.69 -35.00 -31.84
CA SER D 115 -12.95 -35.58 -31.35
C SER D 115 -13.11 -35.56 -29.83
N ASN D 116 -14.30 -35.91 -29.37
CA ASN D 116 -14.61 -35.99 -27.96
C ASN D 116 -14.04 -37.25 -27.34
N TRP D 117 -13.37 -37.13 -26.19
CA TRP D 117 -13.03 -38.33 -25.38
C TRP D 117 -13.30 -38.17 -23.89
N TRP D 118 -13.51 -39.29 -23.22
CA TRP D 118 -13.54 -39.34 -21.75
C TRP D 118 -12.77 -40.53 -21.20
N ASN D 119 -12.56 -40.51 -19.90
CA ASN D 119 -12.03 -41.72 -19.27
C ASN D 119 -12.32 -41.73 -17.76
N VAL D 120 -12.18 -42.91 -17.17
CA VAL D 120 -12.40 -43.11 -15.75
C VAL D 120 -11.37 -44.15 -15.23
N ARG D 121 -10.79 -43.86 -14.09
CA ARG D 121 -9.74 -44.68 -13.56
C ARG D 121 -9.78 -44.59 -12.04
N VAL D 122 -9.37 -45.64 -11.33
CA VAL D 122 -9.08 -45.54 -9.88
C VAL D 122 -7.56 -45.51 -9.69
N TYR D 123 -7.08 -44.50 -8.98
CA TYR D 123 -5.69 -44.42 -8.53
C TYR D 123 -5.46 -44.80 -7.06
N LYS D 124 -4.25 -45.25 -6.75
CA LYS D 124 -3.88 -45.63 -5.39
C LYS D 124 -3.57 -44.40 -4.51
N GLY D 125 -4.25 -44.28 -3.37
CA GLY D 125 -3.98 -43.15 -2.47
C GLY D 125 -4.70 -41.86 -2.86
N GLN D 126 -4.33 -40.78 -2.18
CA GLN D 126 -4.92 -39.46 -2.40
C GLN D 126 -4.11 -38.82 -3.49
N LYS D 127 -4.68 -38.77 -4.69
CA LYS D 127 -3.99 -38.17 -5.82
C LYS D 127 -4.83 -37.07 -6.50
N ARG D 128 -4.30 -35.85 -6.48
CA ARG D 128 -4.99 -34.70 -7.04
C ARG D 128 -4.92 -34.65 -8.59
N ALA D 129 -5.97 -34.09 -9.19
CA ALA D 129 -6.01 -33.91 -10.62
C ALA D 129 -5.00 -32.88 -11.04
N ASP D 130 -4.19 -33.22 -12.03
CA ASP D 130 -3.17 -32.32 -12.60
C ASP D 130 -2.82 -32.74 -14.06
N GLN D 131 -1.88 -32.01 -14.69
CA GLN D 131 -1.45 -32.27 -16.09
C GLN D 131 -0.98 -33.73 -16.28
N ARG D 132 -0.15 -34.21 -15.36
CA ARG D 132 0.37 -35.57 -15.39
C ARG D 132 -0.78 -36.57 -15.39
N MET D 133 -1.74 -36.40 -14.51
CA MET D 133 -2.88 -37.30 -14.49
C MET D 133 -3.70 -37.20 -15.79
N TYR D 134 -3.96 -35.99 -16.27
CA TYR D 134 -4.60 -35.82 -17.56
C TYR D 134 -3.82 -36.59 -18.68
N GLU D 135 -2.49 -36.50 -18.67
CA GLU D 135 -1.68 -37.18 -19.70
C GLU D 135 -1.88 -38.67 -19.69
N GLU D 136 -1.77 -39.25 -18.51
CA GLU D 136 -2.03 -40.66 -18.27
C GLU D 136 -3.40 -41.10 -18.80
N LEU D 137 -4.45 -40.40 -18.40
CA LEU D 137 -5.81 -40.80 -18.73
C LEU D 137 -6.05 -40.70 -20.21
N TYR D 138 -5.38 -39.75 -20.88
CA TYR D 138 -5.66 -39.40 -22.26
C TYR D 138 -4.77 -40.22 -23.19
N TYR D 139 -3.46 -40.04 -23.01
CA TYR D 139 -2.45 -40.74 -23.78
C TYR D 139 -2.18 -42.22 -23.43
N HIS D 140 -2.44 -42.65 -22.19
CA HIS D 140 -1.90 -43.95 -21.71
C HIS D 140 -2.88 -44.98 -21.12
N ARG D 141 -4.11 -44.61 -20.83
CA ARG D 141 -5.09 -45.57 -20.31
C ARG D 141 -6.32 -45.76 -21.20
N SER D 142 -6.12 -45.75 -22.50
CA SER D 142 -7.18 -46.10 -23.45
C SER D 142 -8.51 -45.37 -23.16
N PRO D 143 -8.54 -44.03 -23.38
CA PRO D 143 -9.79 -43.27 -23.28
C PRO D 143 -10.87 -43.83 -24.19
N PHE D 144 -12.10 -43.46 -23.90
CA PHE D 144 -13.25 -43.83 -24.68
C PHE D 144 -13.63 -42.64 -25.54
N ARG D 145 -14.17 -42.94 -26.73
CA ARG D 145 -14.69 -41.93 -27.61
C ARG D 145 -16.04 -41.46 -27.15
N GLY D 146 -16.27 -40.17 -27.33
CA GLY D 146 -17.59 -39.61 -27.28
C GLY D 146 -18.33 -39.91 -28.56
N ASP D 147 -18.80 -41.14 -28.68
CA ASP D 147 -19.39 -41.63 -29.93
C ASP D 147 -20.89 -41.79 -29.81
N ASN D 148 -21.50 -41.17 -28.80
CA ASN D 148 -22.93 -41.38 -28.49
C ASN D 148 -23.28 -42.86 -28.17
N GLY D 149 -22.31 -43.63 -27.70
CA GLY D 149 -22.57 -45.01 -27.28
C GLY D 149 -22.09 -45.19 -25.85
N TRP D 150 -22.54 -46.28 -25.22
CA TRP D 150 -22.11 -46.67 -23.88
C TRP D 150 -20.89 -47.61 -23.92
N HIS D 151 -20.06 -47.52 -22.89
CA HIS D 151 -18.84 -48.32 -22.79
C HIS D 151 -18.62 -48.76 -21.36
N SER D 152 -18.29 -50.04 -21.19
CA SER D 152 -18.17 -50.70 -19.89
C SER D 152 -16.74 -51.14 -19.70
N ARG D 153 -16.20 -50.94 -18.51
CA ARG D 153 -14.90 -51.46 -18.17
C ARG D 153 -14.73 -51.62 -16.66
N GLY D 154 -14.04 -52.69 -16.25
CA GLY D 154 -13.62 -52.85 -14.85
C GLY D 154 -12.65 -51.74 -14.51
N LEU D 155 -12.62 -51.32 -13.25
CA LEU D 155 -11.60 -50.35 -12.83
C LEU D 155 -10.63 -50.98 -11.83
N GLY D 156 -10.82 -52.28 -11.55
CA GLY D 156 -10.13 -52.93 -10.46
C GLY D 156 -10.78 -52.59 -9.12
N TYR D 157 -10.12 -52.96 -8.03
CA TYR D 157 -10.60 -52.65 -6.68
C TYR D 157 -12.07 -53.00 -6.46
N GLY D 158 -12.57 -54.01 -7.16
CA GLY D 158 -13.96 -54.42 -7.04
C GLY D 158 -14.95 -53.48 -7.73
N LEU D 159 -14.46 -52.59 -8.57
CA LEU D 159 -15.33 -51.60 -9.17
C LEU D 159 -15.37 -51.75 -10.70
N LYS D 160 -16.27 -51.00 -11.33
CA LYS D 160 -16.41 -51.00 -12.76
C LYS D 160 -17.20 -49.77 -13.14
N SER D 161 -17.07 -49.38 -14.40
CA SER D 161 -17.69 -48.17 -14.87
C SER D 161 -18.53 -48.48 -16.09
N ARG D 162 -19.66 -47.80 -16.21
CA ARG D 162 -20.38 -47.72 -17.44
C ARG D 162 -20.71 -46.27 -17.75
N GLY D 163 -20.35 -45.82 -18.96
CA GLY D 163 -20.55 -44.44 -19.29
C GLY D 163 -20.90 -44.14 -20.75
N PHE D 164 -21.28 -42.88 -20.93
CA PHE D 164 -21.79 -42.39 -22.18
C PHE D 164 -21.24 -41.00 -22.40
N MET D 165 -20.79 -40.73 -23.61
CA MET D 165 -20.52 -39.35 -23.96
C MET D 165 -20.97 -39.11 -25.36
N ASN D 166 -21.60 -37.97 -25.59
CA ASN D 166 -22.09 -37.68 -26.93
C ASN D 166 -20.93 -37.14 -27.73
N SER D 167 -21.16 -36.80 -28.99
CA SER D 167 -20.07 -36.30 -29.86
C SER D 167 -20.10 -34.80 -30.12
N SER D 168 -21.03 -34.07 -29.53
CA SER D 168 -21.17 -32.62 -29.85
C SER D 168 -20.25 -31.70 -29.03
N GLY D 169 -20.14 -30.47 -29.51
CA GLY D 169 -19.45 -29.39 -28.78
C GLY D 169 -20.20 -28.95 -27.52
N HIS D 170 -21.49 -29.22 -27.50
CA HIS D 170 -22.29 -29.10 -26.28
C HIS D 170 -22.38 -30.54 -25.77
N ALA D 171 -21.41 -30.90 -24.92
CA ALA D 171 -21.17 -32.29 -24.54
C ALA D 171 -21.94 -32.72 -23.29
N ILE D 172 -22.32 -33.98 -23.28
CA ILE D 172 -22.91 -34.63 -22.12
C ILE D 172 -22.10 -35.89 -21.81
N LEU D 173 -21.78 -36.07 -20.54
CA LEU D 173 -20.99 -37.17 -20.10
C LEU D 173 -21.65 -37.71 -18.83
N GLU D 174 -21.95 -39.00 -18.88
CA GLU D 174 -22.71 -39.68 -17.86
C GLU D 174 -21.95 -40.93 -17.52
N ILE D 175 -21.55 -41.07 -16.25
CA ILE D 175 -20.74 -42.21 -15.79
C ILE D 175 -21.37 -42.87 -14.56
N HIS D 176 -21.38 -44.21 -14.58
CA HIS D 176 -21.92 -45.03 -13.48
C HIS D 176 -20.83 -45.96 -12.96
N VAL D 177 -20.62 -45.88 -11.67
CA VAL D 177 -19.59 -46.64 -11.00
C VAL D 177 -20.29 -47.56 -10.05
N THR D 178 -20.14 -48.86 -10.36
CA THR D 178 -20.80 -49.94 -9.68
C THR D 178 -19.75 -50.93 -9.16
N LYS D 179 -20.21 -51.86 -8.31
CA LYS D 179 -19.34 -52.93 -7.84
C LYS D 179 -19.22 -53.95 -8.96
N ALA D 180 -17.99 -54.38 -9.22
CA ALA D 180 -17.72 -55.37 -10.25
C ALA D 180 -18.69 -56.55 -10.14
CL CL E . 25.49 12.99 -6.75
CL CL F . 11.90 25.23 6.56
CL CL G . -1.33 3.79 8.31
C1 GOL H . -7.44 5.74 10.70
O1 GOL H . -8.81 6.17 10.60
C2 GOL H . -6.53 6.50 9.72
O2 GOL H . -6.92 6.24 8.38
C3 GOL H . -5.09 6.04 9.93
O3 GOL H . -4.20 6.94 9.26
CL CL I . -30.40 -18.09 5.10
CL CL J . -21.56 4.86 8.98
C1 GOL K . -13.62 10.40 7.89
O1 GOL K . -14.87 9.94 7.38
C2 GOL K . -13.65 10.28 9.42
O2 GOL K . -14.78 10.98 9.98
C3 GOL K . -12.39 10.83 10.08
O3 GOL K . -11.20 10.37 9.43
CL CL L . -13.69 -27.09 -7.09
CL CL M . -18.53 -35.29 6.95
C1 GOL N . -3.29 -47.19 -9.43
O1 GOL N . -4.44 -47.93 -9.88
C2 GOL N . -2.26 -46.90 -10.51
O2 GOL N . -2.92 -46.63 -11.77
C3 GOL N . -1.38 -45.72 -10.16
O3 GOL N . -1.60 -45.27 -8.81
#